data_8X51
#
_entry.id   8X51
#
_cell.length_a   1.00
_cell.length_b   1.00
_cell.length_c   1.00
_cell.angle_alpha   90.00
_cell.angle_beta   90.00
_cell.angle_gamma   90.00
#
_symmetry.space_group_name_H-M   'P 1'
#
loop_
_entity.id
_entity.type
_entity.pdbx_description
1 polymer 'Endonuclease GajA'
2 polymer "DNA (5'-D(*TP*TP*TP*AP*AP*TP*AP*AP*CP*CP*CP*GP*GP*TP*TP*AP*TP*TP*TP*TP*T)-3')"
3 polymer "DNA (5'-D(*AP*AP*AP*AP*AP*TP*AP*AP*CP*CP*GP*GP*GP*TP*TP*AP*TP*TP*AP*AP*A)-3')"
4 non-polymer 'CALCIUM ION'
#
loop_
_entity_poly.entity_id
_entity_poly.type
_entity_poly.pdbx_seq_one_letter_code
_entity_poly.pdbx_strand_id
1 'polypeptide(L)'
;MKFSNITIKNFRNFEKVNINLDNKNVIFGMNDIGKTNFLYALRFLLDKEIRKFGFNKSDYHKHDTSKKIEIILTLDLSNY
EKDEDTKKLISVVKGARTSANADVFYIALESKYDDKELYGNIILKWGSELDNLIDIPGRGNINALDNVFKVIYINPLVDL
DKLFAQNKKYIFEESQGNESDEGILNNIKSLTDQVNQQIGEMTIIKGFQQEITSEYRSLKKEEVSIELKSEMAIKGFFSD
IIPYIKKDGDSNYYPTSGDGRRKMLSYSIYNYLAKKKYEDKIVIYLIEEPEISLHRSMQIALSKQLFEQSTYKYFFLSTH
SPELLYEMDNTRLIRVHSTEKVVCSSHMYNVEEAYGSVKKKLNKALSSALFAERVLLIEGPSEKILFEKVLDEVEPEYEL
NGGFLLEVGGTYFNHYVCTLNDLGITHIIKTDNDLKSKKGKKGVYELLGLNRCLNLLGRENLDEITIDIPEDIKGKKKKE
RLNERKKEIFKQYKNEVGEFLGERIYLSEIDLENDLYSAIGESMKRIFENEDPVHYLQKSKLFNMVELVNNLSTKDCFDV
FEHEKFACLKELVGSDRG
;
A,B
2 'polydeoxyribonucleotide'
;(DT)(DT)(DT)(DA)(DA)(DT)(DA)(DA)(DC)(DC)(DC)(DG)(DG)(DT)(DT)(DA)(DT)(DT)(DT)(DT)
(DT)
;
E
3 'polydeoxyribonucleotide'
;(DA)(DA)(DA)(DA)(DA)(DT)(DA)(DA)(DC)(DC)(DG)(DG)(DG)(DT)(DT)(DA)(DT)(DT)(DA)(DA)
(DA)
;
F
#
loop_
_chem_comp.id
_chem_comp.type
_chem_comp.name
_chem_comp.formula
CA non-polymer 'CALCIUM ION' 'Ca 2'
DA DNA linking 2'-DEOXYADENOSINE-5'-MONOPHOSPHATE 'C10 H14 N5 O6 P'
DC DNA linking 2'-DEOXYCYTIDINE-5'-MONOPHOSPHATE 'C9 H14 N3 O7 P'
DG DNA linking 2'-DEOXYGUANOSINE-5'-MONOPHOSPHATE 'C10 H14 N5 O7 P'
DT DNA linking THYMIDINE-5'-MONOPHOSPHATE 'C10 H15 N2 O8 P'
#
# COMPACT_ATOMS: atom_id res chain seq x y z
N MET A 1 -36.13 10.41 4.14
CA MET A 1 -35.25 11.56 3.99
C MET A 1 -33.97 11.08 3.28
N LYS A 2 -33.75 9.76 3.35
CA LYS A 2 -32.64 9.12 2.65
C LYS A 2 -32.93 9.10 1.15
N PHE A 3 -31.97 9.66 0.38
CA PHE A 3 -32.17 10.12 -1.01
C PHE A 3 -32.36 8.93 -1.94
N SER A 4 -33.40 8.94 -2.77
CA SER A 4 -33.66 7.75 -3.58
C SER A 4 -32.80 7.73 -4.83
N ASN A 5 -33.02 8.66 -5.76
CA ASN A 5 -32.26 8.63 -7.02
C ASN A 5 -32.14 10.00 -7.66
N ILE A 6 -31.25 10.08 -8.65
CA ILE A 6 -31.07 11.28 -9.46
C ILE A 6 -31.17 10.88 -10.94
N THR A 7 -31.91 11.66 -11.70
CA THR A 7 -32.14 11.44 -13.12
C THR A 7 -31.49 12.59 -13.87
N ILE A 8 -30.49 12.29 -14.69
CA ILE A 8 -29.76 13.32 -15.42
C ILE A 8 -29.96 13.04 -16.91
N LYS A 9 -30.51 14.01 -17.64
CA LYS A 9 -30.72 13.77 -19.06
C LYS A 9 -29.65 14.36 -19.98
N ASN A 10 -29.60 15.68 -20.14
CA ASN A 10 -28.93 16.24 -21.30
C ASN A 10 -27.66 17.01 -20.93
N PHE A 11 -26.93 16.50 -19.95
CA PHE A 11 -25.75 17.15 -19.41
C PHE A 11 -24.51 16.73 -20.22
N ARG A 12 -23.31 17.03 -19.69
CA ARG A 12 -22.09 17.15 -20.47
C ARG A 12 -21.50 15.82 -20.92
N ASN A 13 -21.96 14.70 -20.36
CA ASN A 13 -21.49 13.39 -20.80
C ASN A 13 -22.64 12.40 -20.82
N PHE A 14 -23.86 12.83 -20.51
CA PHE A 14 -24.97 11.93 -20.23
C PHE A 14 -26.06 12.11 -21.28
N GLU A 15 -26.79 11.02 -21.53
CA GLU A 15 -27.91 11.02 -22.48
C GLU A 15 -29.24 10.75 -21.79
N LYS A 16 -29.31 9.66 -21.02
CA LYS A 16 -30.42 9.40 -20.09
C LYS A 16 -29.85 8.47 -19.04
N VAL A 17 -29.49 9.00 -17.87
CA VAL A 17 -28.97 8.17 -16.79
C VAL A 17 -29.84 8.32 -15.55
N ASN A 18 -30.00 7.23 -14.82
CA ASN A 18 -30.82 7.14 -13.60
C ASN A 18 -29.96 6.48 -12.54
N ILE A 19 -29.31 7.27 -11.69
CA ILE A 19 -28.39 6.73 -10.69
C ILE A 19 -29.13 6.67 -9.37
N ASN A 20 -29.29 5.45 -8.84
CA ASN A 20 -29.84 5.27 -7.51
C ASN A 20 -28.81 5.67 -6.46
N LEU A 21 -29.29 6.24 -5.36
CA LEU A 21 -28.44 6.79 -4.32
C LEU A 21 -28.95 6.34 -2.96
N ASP A 22 -28.19 6.69 -1.92
CA ASP A 22 -28.70 6.87 -0.57
C ASP A 22 -27.88 7.98 0.08
N ASN A 23 -27.92 8.05 1.40
CA ASN A 23 -26.92 8.82 2.11
C ASN A 23 -25.59 8.06 2.09
N LYS A 24 -24.48 8.81 2.20
CA LYS A 24 -23.09 8.36 2.26
C LYS A 24 -22.69 7.58 0.99
N ASN A 25 -22.56 8.30 -0.13
CA ASN A 25 -22.30 7.73 -1.44
C ASN A 25 -20.82 7.80 -1.82
N VAL A 26 -20.32 6.75 -2.50
CA VAL A 26 -18.93 6.67 -2.96
C VAL A 26 -18.92 6.42 -4.46
N ILE A 27 -18.26 7.32 -5.20
CA ILE A 27 -18.15 7.30 -6.66
C ILE A 27 -16.72 6.97 -7.02
N PHE A 28 -16.52 5.93 -7.83
CA PHE A 28 -15.20 5.64 -8.38
C PHE A 28 -15.38 5.18 -9.83
N GLY A 29 -14.28 4.88 -10.48
CA GLY A 29 -14.32 4.43 -11.87
C GLY A 29 -13.00 4.72 -12.55
N MET A 30 -12.96 4.40 -13.84
CA MET A 30 -11.73 4.60 -14.61
C MET A 30 -11.57 6.06 -15.05
N ASN A 31 -12.58 6.60 -15.74
CA ASN A 31 -12.49 7.99 -16.19
C ASN A 31 -12.76 8.99 -15.07
N ASP A 32 -12.02 10.09 -15.11
CA ASP A 32 -12.22 11.17 -14.15
C ASP A 32 -13.18 12.23 -14.65
N ILE A 33 -13.48 12.21 -15.96
CA ILE A 33 -14.37 13.19 -16.58
C ILE A 33 -15.80 12.98 -16.12
N GLY A 34 -16.24 11.71 -16.04
CA GLY A 34 -17.58 11.41 -15.54
C GLY A 34 -17.75 11.63 -14.06
N LYS A 35 -16.66 11.52 -13.29
CA LYS A 35 -16.73 11.78 -11.85
C LYS A 35 -16.81 13.28 -11.57
N THR A 36 -16.05 14.09 -12.33
CA THR A 36 -16.18 15.54 -12.26
C THR A 36 -17.53 16.02 -12.78
N ASN A 37 -18.08 15.38 -13.81
CA ASN A 37 -19.38 15.79 -14.32
C ASN A 37 -20.53 15.37 -13.42
N PHE A 38 -20.35 14.28 -12.65
CA PHE A 38 -21.32 13.90 -11.62
C PHE A 38 -21.34 14.90 -10.47
N LEU A 39 -20.15 15.33 -10.00
CA LEU A 39 -20.12 16.32 -8.92
C LEU A 39 -20.48 17.74 -9.40
N TYR A 40 -20.20 18.10 -10.66
CA TYR A 40 -20.73 19.35 -11.18
C TYR A 40 -22.21 19.30 -11.51
N ALA A 41 -22.80 18.12 -11.75
CA ALA A 41 -24.25 18.02 -11.85
C ALA A 41 -24.92 18.27 -10.51
N LEU A 42 -24.33 17.75 -9.43
CA LEU A 42 -24.83 18.06 -8.08
C LEU A 42 -24.57 19.52 -7.68
N ARG A 43 -23.47 20.11 -8.17
CA ARG A 43 -23.18 21.52 -7.90
C ARG A 43 -24.10 22.46 -8.69
N PHE A 44 -24.48 22.07 -9.90
CA PHE A 44 -25.43 22.89 -10.65
C PHE A 44 -26.84 22.73 -10.12
N LEU A 45 -27.18 21.59 -9.55
CA LEU A 45 -28.50 21.44 -8.94
C LEU A 45 -28.62 22.18 -7.62
N LEU A 46 -27.62 22.07 -6.74
CA LEU A 46 -27.84 22.46 -5.35
C LEU A 46 -26.90 23.55 -4.80
N ASP A 47 -26.00 24.10 -5.60
CA ASP A 47 -25.07 25.13 -5.13
C ASP A 47 -25.28 26.37 -6.00
N LYS A 48 -25.53 27.51 -5.35
CA LYS A 48 -25.88 28.74 -6.05
C LYS A 48 -24.68 29.46 -6.66
N GLU A 49 -23.46 29.19 -6.19
CA GLU A 49 -22.29 29.86 -6.73
C GLU A 49 -21.77 29.25 -8.01
N ILE A 50 -22.30 28.10 -8.42
CA ILE A 50 -22.03 27.53 -9.74
C ILE A 50 -23.24 27.86 -10.62
N ARG A 51 -24.43 27.83 -10.02
CA ARG A 51 -25.67 28.05 -10.74
C ARG A 51 -25.89 29.52 -11.13
N LYS A 52 -25.24 30.47 -10.47
CA LYS A 52 -25.43 31.87 -10.81
C LYS A 52 -24.70 32.28 -12.09
N PHE A 53 -23.75 31.48 -12.56
CA PHE A 53 -23.08 31.73 -13.83
C PHE A 53 -23.84 31.13 -15.02
N GLY A 54 -24.82 30.28 -14.78
CA GLY A 54 -25.59 29.70 -15.84
C GLY A 54 -24.86 28.57 -16.55
N PHE A 55 -25.42 28.17 -17.68
CA PHE A 55 -24.84 27.14 -18.53
C PHE A 55 -24.13 27.77 -19.72
N ASN A 56 -22.97 27.21 -20.08
CA ASN A 56 -22.20 27.63 -21.23
C ASN A 56 -22.63 26.79 -22.44
N LYS A 57 -21.87 26.88 -23.53
CA LYS A 57 -22.11 25.99 -24.66
C LYS A 57 -21.60 24.59 -24.40
N SER A 58 -20.54 24.46 -23.61
CA SER A 58 -19.94 23.17 -23.30
C SER A 58 -20.69 22.40 -22.23
N ASP A 59 -21.63 23.04 -21.53
CA ASP A 59 -22.42 22.40 -20.47
C ASP A 59 -23.57 21.57 -21.01
N TYR A 60 -23.87 21.64 -22.30
CA TYR A 60 -24.92 20.84 -22.90
C TYR A 60 -24.33 19.51 -23.36
N HIS A 61 -25.12 18.67 -24.03
CA HIS A 61 -24.62 17.37 -24.45
C HIS A 61 -23.79 17.52 -25.71
N LYS A 62 -22.60 16.89 -25.69
CA LYS A 62 -21.43 17.08 -26.56
C LYS A 62 -21.09 18.57 -26.58
N HIS A 63 -21.45 19.31 -27.63
CA HIS A 63 -21.36 20.77 -27.62
C HIS A 63 -22.54 21.47 -28.26
N ASP A 64 -23.38 20.77 -29.03
CA ASP A 64 -24.53 21.41 -29.65
C ASP A 64 -25.71 20.45 -29.56
N THR A 65 -26.89 20.96 -29.94
CA THR A 65 -28.27 20.44 -29.91
C THR A 65 -28.73 19.72 -28.63
N SER A 66 -29.97 19.18 -28.69
CA SER A 66 -30.76 18.60 -27.59
C SER A 66 -30.91 19.60 -26.44
N LYS A 67 -31.57 20.72 -26.74
CA LYS A 67 -31.51 21.92 -25.91
C LYS A 67 -32.60 21.93 -24.84
N LYS A 68 -32.59 20.88 -23.99
CA LYS A 68 -33.53 20.78 -22.87
C LYS A 68 -32.87 19.90 -21.83
N ILE A 69 -32.23 20.53 -20.84
CA ILE A 69 -31.50 19.80 -19.80
C ILE A 69 -32.42 19.65 -18.59
N GLU A 70 -32.66 18.40 -18.17
CA GLU A 70 -33.29 18.11 -16.89
C GLU A 70 -32.30 17.42 -15.95
N ILE A 71 -32.20 17.94 -14.73
CA ILE A 71 -31.58 17.24 -13.61
C ILE A 71 -32.61 17.13 -12.51
N ILE A 72 -33.07 15.93 -12.20
CA ILE A 72 -34.18 15.72 -11.26
C ILE A 72 -33.68 14.89 -10.08
N LEU A 73 -33.80 15.43 -8.88
CA LEU A 73 -33.49 14.72 -7.65
C LEU A 73 -34.78 14.26 -6.99
N THR A 74 -34.86 12.97 -6.67
CA THR A 74 -36.02 12.39 -6.00
C THR A 74 -35.58 11.84 -4.66
N LEU A 75 -36.25 12.31 -3.59
CA LEU A 75 -35.76 12.26 -2.23
C LEU A 75 -36.24 11.07 -1.42
N ASP A 76 -37.44 10.53 -1.74
CA ASP A 76 -38.19 9.50 -0.99
C ASP A 76 -38.41 9.92 0.47
N LEU A 77 -39.25 10.96 0.60
CA LEU A 77 -39.33 11.74 1.83
C LEU A 77 -40.05 10.97 2.93
N SER A 78 -41.31 10.57 2.66
CA SER A 78 -42.23 9.77 3.49
C SER A 78 -42.48 10.34 4.88
N ASN A 79 -42.80 9.48 5.83
CA ASN A 79 -43.10 9.89 7.20
C ASN A 79 -42.00 9.33 8.11
N TYR A 80 -41.14 10.22 8.60
CA TYR A 80 -40.11 9.88 9.58
C TYR A 80 -40.41 10.46 10.96
N GLU A 81 -41.72 10.53 11.30
CA GLU A 81 -42.35 11.23 12.43
C GLU A 81 -41.78 12.63 12.70
N LYS A 82 -41.64 13.05 13.97
CA LYS A 82 -40.96 14.29 14.28
C LYS A 82 -39.46 14.08 14.05
N ASP A 83 -38.97 14.57 12.92
CA ASP A 83 -37.60 14.38 12.47
C ASP A 83 -36.98 15.77 12.35
N GLU A 84 -35.65 15.84 12.45
CA GLU A 84 -34.96 17.13 12.40
C GLU A 84 -34.92 17.73 11.00
N ASP A 85 -34.73 16.89 9.98
CA ASP A 85 -34.59 17.39 8.61
C ASP A 85 -35.87 17.30 7.80
N THR A 86 -36.68 16.26 8.07
CA THR A 86 -37.91 16.03 7.32
C THR A 86 -38.97 17.07 7.65
N LYS A 87 -39.12 17.42 8.93
CA LYS A 87 -40.05 18.47 9.33
C LYS A 87 -39.59 19.86 8.91
N LYS A 88 -38.27 20.05 8.78
CA LYS A 88 -37.71 21.26 8.16
C LYS A 88 -38.09 21.37 6.68
N LEU A 89 -38.03 20.25 5.95
CA LEU A 89 -38.41 20.29 4.54
C LEU A 89 -39.93 20.30 4.35
N ILE A 90 -40.71 19.90 5.37
CA ILE A 90 -42.13 20.24 5.36
C ILE A 90 -42.33 21.74 5.59
N SER A 91 -41.57 22.32 6.52
CA SER A 91 -41.77 23.71 6.97
C SER A 91 -41.35 24.77 5.96
N VAL A 92 -40.35 24.52 5.12
CA VAL A 92 -39.91 25.55 4.18
C VAL A 92 -40.68 25.47 2.85
N VAL A 93 -41.02 24.25 2.40
CA VAL A 93 -41.71 24.04 1.12
C VAL A 93 -43.17 24.52 1.17
N LYS A 94 -43.88 24.19 2.26
CA LYS A 94 -45.27 24.53 2.60
C LYS A 94 -46.28 24.11 1.55
N GLY A 95 -46.64 25.02 0.64
CA GLY A 95 -47.78 24.86 -0.23
C GLY A 95 -47.57 24.11 -1.53
N ALA A 96 -46.37 23.57 -1.78
CA ALA A 96 -46.12 22.82 -3.00
C ALA A 96 -46.43 21.33 -2.86
N ARG A 97 -46.95 20.91 -1.73
CA ARG A 97 -47.38 19.52 -1.53
C ARG A 97 -48.84 19.39 -1.94
N THR A 98 -49.10 18.52 -2.91
CA THR A 98 -50.45 18.37 -3.43
C THR A 98 -51.33 17.54 -2.52
N SER A 99 -50.74 16.75 -1.62
CA SER A 99 -51.49 15.98 -0.65
C SER A 99 -50.66 15.84 0.62
N ALA A 100 -51.35 15.60 1.74
CA ALA A 100 -50.67 15.45 3.01
C ALA A 100 -50.11 14.05 3.22
N ASN A 101 -50.54 13.08 2.42
CA ASN A 101 -50.06 11.69 2.54
C ASN A 101 -49.08 11.31 1.43
N ALA A 102 -48.51 12.27 0.73
CA ALA A 102 -47.54 11.99 -0.32
C ALA A 102 -46.19 11.62 0.31
N ASP A 103 -45.59 10.55 -0.20
CA ASP A 103 -44.36 10.00 0.36
C ASP A 103 -43.16 10.17 -0.56
N VAL A 104 -43.22 11.19 -1.43
CA VAL A 104 -42.18 11.42 -2.42
C VAL A 104 -42.14 12.92 -2.70
N PHE A 105 -40.95 13.45 -3.03
CA PHE A 105 -40.83 14.87 -3.35
C PHE A 105 -39.72 15.05 -4.38
N TYR A 106 -39.95 15.97 -5.32
CA TYR A 106 -39.14 16.12 -6.51
C TYR A 106 -38.51 17.51 -6.55
N ILE A 107 -37.23 17.58 -6.95
CA ILE A 107 -36.58 18.86 -7.28
C ILE A 107 -36.05 18.74 -8.70
N ALA A 108 -36.56 19.57 -9.60
CA ALA A 108 -36.24 19.47 -11.01
C ALA A 108 -35.53 20.73 -11.49
N LEU A 109 -34.53 20.55 -12.32
CA LEU A 109 -33.78 21.63 -12.95
C LEU A 109 -33.99 21.53 -14.45
N GLU A 110 -34.55 22.58 -15.04
CA GLU A 110 -34.77 22.66 -16.47
C GLU A 110 -33.91 23.77 -17.07
N SER A 111 -33.37 23.51 -18.25
CA SER A 111 -32.60 24.49 -19.00
C SER A 111 -32.98 24.41 -20.47
N LYS A 112 -33.07 25.57 -21.11
CA LYS A 112 -33.54 25.66 -22.50
C LYS A 112 -32.95 26.92 -23.14
N TYR A 113 -32.87 26.88 -24.48
CA TYR A 113 -32.49 27.97 -25.41
C TYR A 113 -31.08 28.53 -25.11
N ASP A 114 -30.10 27.67 -25.40
CA ASP A 114 -28.70 28.08 -25.28
C ASP A 114 -28.31 29.05 -26.40
N ASP A 115 -28.97 28.96 -27.55
CA ASP A 115 -28.57 29.70 -28.75
C ASP A 115 -28.99 31.18 -28.72
N LYS A 116 -29.79 31.62 -27.76
CA LYS A 116 -30.30 32.99 -27.74
C LYS A 116 -29.68 33.74 -26.56
N GLU A 117 -29.00 34.85 -26.87
CA GLU A 117 -28.14 35.69 -26.01
C GLU A 117 -26.94 34.96 -25.39
N LEU A 118 -26.54 33.81 -25.97
CA LEU A 118 -25.42 32.93 -25.56
C LEU A 118 -25.51 32.48 -24.09
N TYR A 119 -26.72 32.28 -23.58
CA TYR A 119 -26.93 32.09 -22.15
C TYR A 119 -27.84 30.92 -21.89
N GLY A 120 -27.48 30.11 -20.90
CA GLY A 120 -28.19 28.89 -20.58
C GLY A 120 -29.55 29.06 -19.92
N ASN A 121 -29.58 29.76 -18.78
CA ASN A 121 -30.70 30.03 -17.85
C ASN A 121 -31.28 28.76 -17.21
N ILE A 122 -31.34 28.76 -15.89
CA ILE A 122 -31.67 27.57 -15.11
C ILE A 122 -32.95 27.85 -14.33
N ILE A 123 -33.93 26.96 -14.48
CA ILE A 123 -35.24 27.09 -13.82
C ILE A 123 -35.40 25.91 -12.87
N LEU A 124 -35.57 26.19 -11.59
CA LEU A 124 -35.68 25.18 -10.55
C LEU A 124 -37.12 25.07 -10.07
N LYS A 125 -37.69 23.86 -10.11
CA LYS A 125 -39.09 23.63 -9.77
C LYS A 125 -39.21 22.52 -8.74
N TRP A 126 -39.84 22.83 -7.60
CA TRP A 126 -40.27 21.87 -6.60
C TRP A 126 -41.50 21.09 -7.04
N GLY A 127 -41.74 19.97 -6.37
CA GLY A 127 -43.04 19.33 -6.52
C GLY A 127 -43.09 17.84 -6.26
N SER A 128 -44.15 17.40 -5.57
CA SER A 128 -44.30 16.02 -5.13
C SER A 128 -44.90 15.11 -6.21
N GLU A 129 -45.29 15.65 -7.36
CA GLU A 129 -45.76 14.85 -8.48
C GLU A 129 -44.97 15.24 -9.73
N LEU A 130 -44.99 14.36 -10.73
CA LEU A 130 -44.27 14.64 -11.98
C LEU A 130 -44.99 15.68 -12.81
N ASP A 131 -46.31 15.61 -12.85
CA ASP A 131 -47.13 16.72 -13.32
C ASP A 131 -47.27 17.74 -12.19
N ASN A 132 -47.78 18.93 -12.57
CA ASN A 132 -48.06 20.15 -11.78
C ASN A 132 -46.96 20.54 -10.77
N LEU A 133 -45.72 20.50 -11.26
CA LEU A 133 -44.57 21.04 -10.53
C LEU A 133 -44.69 22.56 -10.40
N ILE A 134 -44.48 23.06 -9.18
CA ILE A 134 -44.61 24.47 -8.85
C ILE A 134 -43.21 25.08 -8.81
N ASP A 135 -43.07 26.27 -9.38
CA ASP A 135 -41.81 26.98 -9.44
C ASP A 135 -41.39 27.43 -8.05
N ILE A 136 -40.09 27.43 -7.78
CA ILE A 136 -39.57 27.81 -6.48
C ILE A 136 -39.58 29.33 -6.38
N PRO A 137 -40.30 29.93 -5.44
CA PRO A 137 -40.38 31.40 -5.38
C PRO A 137 -39.18 32.01 -4.69
N GLY A 138 -38.68 33.09 -5.26
CA GLY A 138 -37.57 33.83 -4.67
C GLY A 138 -37.69 35.29 -5.02
N ARG A 139 -37.05 36.14 -4.22
CA ARG A 139 -37.22 37.57 -4.42
C ARG A 139 -36.10 38.15 -5.28
N GLY A 140 -34.85 37.98 -4.86
CA GLY A 140 -33.74 38.56 -5.59
C GLY A 140 -32.79 37.54 -6.18
N ASN A 141 -31.61 37.42 -5.58
CA ASN A 141 -30.63 36.40 -5.98
C ASN A 141 -30.86 35.07 -5.28
N ILE A 142 -31.84 34.98 -4.37
CA ILE A 142 -31.97 33.89 -3.42
C ILE A 142 -33.27 33.16 -3.71
N ASN A 143 -33.20 31.84 -3.91
CA ASN A 143 -34.37 31.00 -4.04
C ASN A 143 -34.88 30.56 -2.67
N ALA A 144 -36.01 29.87 -2.66
CA ALA A 144 -36.45 29.19 -1.45
C ALA A 144 -35.85 27.80 -1.32
N LEU A 145 -35.15 27.31 -2.35
CA LEU A 145 -34.44 26.04 -2.25
C LEU A 145 -33.16 26.21 -1.44
N ASP A 146 -32.58 27.42 -1.44
CA ASP A 146 -31.33 27.68 -0.74
C ASP A 146 -31.52 27.81 0.77
N ASN A 147 -32.75 27.96 1.25
CA ASN A 147 -33.03 27.90 2.68
C ASN A 147 -33.07 26.47 3.21
N VAL A 148 -33.18 25.49 2.33
CA VAL A 148 -33.20 24.09 2.74
C VAL A 148 -31.81 23.49 2.76
N PHE A 149 -31.06 23.60 1.67
CA PHE A 149 -29.82 22.87 1.48
C PHE A 149 -28.61 23.79 1.48
N LYS A 150 -27.45 23.22 1.84
CA LYS A 150 -26.16 23.90 1.81
C LYS A 150 -25.10 22.92 1.35
N VAL A 151 -24.28 23.32 0.38
CA VAL A 151 -23.33 22.45 -0.30
C VAL A 151 -21.91 22.89 0.02
N ILE A 152 -21.09 21.97 0.55
CA ILE A 152 -19.68 22.23 0.83
C ILE A 152 -18.84 21.35 -0.08
N TYR A 153 -17.98 21.98 -0.88
CA TYR A 153 -17.12 21.30 -1.85
C TYR A 153 -15.68 21.27 -1.35
N ILE A 154 -15.04 20.12 -1.44
CA ILE A 154 -13.67 19.91 -0.97
C ILE A 154 -12.86 19.36 -2.15
N ASN A 155 -11.79 20.08 -2.52
CA ASN A 155 -10.85 19.62 -3.52
C ASN A 155 -9.48 20.21 -3.18
N PRO A 156 -8.43 19.37 -3.02
CA PRO A 156 -7.07 19.90 -2.88
C PRO A 156 -6.53 20.47 -4.19
N LYS A 281 -30.24 23.86 8.15
CA LYS A 281 -29.84 23.55 6.79
C LYS A 281 -29.27 22.15 6.65
N ILE A 282 -29.81 21.42 5.67
CA ILE A 282 -29.31 20.09 5.33
C ILE A 282 -28.02 20.28 4.54
N VAL A 283 -26.92 19.73 5.05
CA VAL A 283 -25.58 19.98 4.53
C VAL A 283 -25.13 18.78 3.70
N ILE A 284 -24.78 19.02 2.45
CA ILE A 284 -24.30 18.00 1.52
C ILE A 284 -22.83 18.27 1.25
N TYR A 285 -21.99 17.25 1.43
CA TYR A 285 -20.56 17.35 1.18
C TYR A 285 -20.23 16.74 -0.17
N LEU A 286 -19.33 17.37 -0.91
CA LEU A 286 -18.86 16.83 -2.18
C LEU A 286 -17.34 16.85 -2.16
N ILE A 287 -16.73 15.68 -2.05
CA ILE A 287 -15.31 15.53 -1.78
C ILE A 287 -14.68 14.91 -3.01
N GLU A 288 -13.68 15.58 -3.58
CA GLU A 288 -12.97 15.06 -4.73
C GLU A 288 -11.50 14.88 -4.38
N GLU A 289 -11.07 13.61 -4.35
CA GLU A 289 -9.73 13.04 -4.19
C GLU A 289 -8.88 13.63 -3.07
N PRO A 290 -9.16 13.34 -1.80
CA PRO A 290 -8.36 13.91 -0.72
C PRO A 290 -7.10 13.14 -0.39
N GLU A 291 -6.72 12.13 -1.18
CA GLU A 291 -5.50 11.37 -0.94
C GLU A 291 -4.25 12.06 -1.48
N ILE A 292 -4.40 13.16 -2.22
CA ILE A 292 -3.24 13.86 -2.76
C ILE A 292 -2.59 14.68 -1.67
N SER A 293 -1.28 14.45 -1.46
CA SER A 293 -0.38 15.13 -0.52
C SER A 293 -0.83 14.98 0.94
N LEU A 294 -1.31 13.78 1.29
CA LEU A 294 -1.51 13.41 2.69
C LEU A 294 -0.91 12.04 2.94
N HIS A 295 -0.58 11.81 4.21
CA HIS A 295 -0.07 10.54 4.69
C HIS A 295 -1.19 9.51 4.72
N ARG A 296 -0.78 8.22 4.68
CA ARG A 296 -1.74 7.12 4.59
C ARG A 296 -2.49 6.89 5.90
N SER A 297 -1.86 7.21 7.03
CA SER A 297 -2.56 7.17 8.32
C SER A 297 -3.55 8.31 8.47
N MET A 298 -3.30 9.44 7.79
CA MET A 298 -4.29 10.50 7.72
C MET A 298 -5.47 10.11 6.83
N GLN A 299 -5.23 9.27 5.82
CA GLN A 299 -6.31 8.70 5.04
C GLN A 299 -7.10 7.67 5.84
N ILE A 300 -6.44 6.94 6.74
CA ILE A 300 -7.12 6.00 7.64
C ILE A 300 -7.96 6.76 8.68
N ALA A 301 -7.44 7.89 9.18
CA ALA A 301 -8.16 8.78 10.09
C ALA A 301 -9.33 9.48 9.40
N LEU A 302 -9.18 9.83 8.12
CA LEU A 302 -10.30 10.35 7.34
C LEU A 302 -11.33 9.26 7.05
N SER A 303 -10.89 8.01 6.91
CA SER A 303 -11.79 6.90 6.67
C SER A 303 -12.63 6.54 7.89
N LYS A 304 -12.06 6.67 9.09
CA LYS A 304 -12.92 6.51 10.27
C LYS A 304 -13.79 7.74 10.51
N GLN A 305 -13.27 8.95 10.22
CA GLN A 305 -14.01 10.18 10.44
C GLN A 305 -15.17 10.37 9.46
N LEU A 306 -15.12 9.75 8.28
CA LEU A 306 -16.26 9.83 7.35
C LEU A 306 -17.43 8.96 7.79
N PHE A 307 -17.21 7.96 8.64
CA PHE A 307 -18.26 7.02 8.98
C PHE A 307 -18.64 6.95 10.46
N GLU A 308 -17.88 7.59 11.37
CA GLU A 308 -18.38 7.62 12.76
C GLU A 308 -19.03 8.95 13.12
N GLN A 309 -18.61 10.07 12.52
CA GLN A 309 -19.22 11.34 12.82
C GLN A 309 -20.56 11.50 12.11
N SER A 310 -21.50 12.13 12.79
CA SER A 310 -22.83 12.38 12.24
C SER A 310 -22.88 13.62 11.36
N THR A 311 -21.81 14.42 11.34
CA THR A 311 -21.78 15.59 10.46
C THR A 311 -21.51 15.24 9.00
N TYR A 312 -20.98 14.06 8.73
CA TYR A 312 -20.85 13.55 7.37
C TYR A 312 -22.00 12.59 7.05
N LYS A 313 -23.22 13.08 7.21
CA LYS A 313 -24.40 12.26 7.02
C LYS A 313 -24.68 12.01 5.55
N TYR A 314 -24.56 13.05 4.72
CA TYR A 314 -24.73 12.99 3.28
C TYR A 314 -23.41 13.40 2.65
N PHE A 315 -22.74 12.49 1.94
CA PHE A 315 -21.66 12.94 1.08
C PHE A 315 -21.67 12.17 -0.23
N PHE A 316 -20.82 12.65 -1.14
CA PHE A 316 -20.51 12.03 -2.42
C PHE A 316 -18.99 12.07 -2.54
N LEU A 317 -18.33 10.94 -2.32
CA LEU A 317 -16.88 10.88 -2.22
C LEU A 317 -16.26 10.28 -3.47
N SER A 318 -15.33 10.99 -4.09
CA SER A 318 -14.57 10.49 -5.23
C SER A 318 -13.14 10.20 -4.78
N THR A 319 -12.66 8.99 -5.04
CA THR A 319 -11.36 8.57 -4.52
C THR A 319 -10.72 7.50 -5.40
N HIS A 320 -9.40 7.38 -5.24
CA HIS A 320 -8.62 6.27 -5.78
C HIS A 320 -7.93 5.42 -4.72
N SER A 321 -7.65 5.96 -3.54
CA SER A 321 -6.82 5.28 -2.55
C SER A 321 -7.63 4.23 -1.80
N PRO A 322 -7.08 3.04 -1.55
CA PRO A 322 -7.80 2.03 -0.76
C PRO A 322 -7.85 2.32 0.73
N GLU A 323 -6.99 3.21 1.24
CA GLU A 323 -6.95 3.51 2.67
C GLU A 323 -8.12 4.36 3.13
N LEU A 324 -8.79 5.08 2.23
CA LEU A 324 -10.03 5.77 2.57
C LEU A 324 -11.24 4.85 2.63
N LEU A 325 -11.13 3.61 2.15
CA LEU A 325 -12.24 2.69 2.04
C LEU A 325 -11.98 1.40 2.82
N TYR A 326 -11.31 1.49 3.96
CA TYR A 326 -11.11 0.31 4.81
C TYR A 326 -12.39 -0.07 5.54
N GLU A 327 -12.89 0.83 6.38
CA GLU A 327 -14.18 0.65 7.03
C GLU A 327 -15.24 1.48 6.32
N MET A 328 -16.39 0.86 6.11
CA MET A 328 -17.37 1.27 5.11
C MET A 328 -18.67 0.54 5.37
N ASP A 329 -19.78 1.25 5.48
CA ASP A 329 -21.06 0.62 5.80
C ASP A 329 -22.19 1.45 5.24
N ASN A 330 -23.19 0.76 4.65
CA ASN A 330 -24.47 1.28 4.13
C ASN A 330 -24.24 2.33 3.04
N THR A 331 -23.53 1.91 2.00
CA THR A 331 -22.93 2.84 1.03
C THR A 331 -23.30 2.45 -0.39
N ARG A 332 -23.87 3.38 -1.16
CA ARG A 332 -24.09 3.12 -2.57
C ARG A 332 -22.78 3.31 -3.33
N LEU A 333 -22.28 2.22 -3.88
CA LEU A 333 -21.16 2.28 -4.82
C LEU A 333 -21.71 2.71 -6.17
N ILE A 334 -21.20 3.83 -6.69
CA ILE A 334 -21.50 4.29 -8.04
C ILE A 334 -20.23 4.07 -8.84
N ARG A 335 -20.27 3.17 -9.80
CA ARG A 335 -19.15 2.93 -10.70
C ARG A 335 -19.48 3.53 -12.04
N VAL A 336 -18.62 4.43 -12.51
CA VAL A 336 -18.70 4.95 -13.86
C VAL A 336 -17.75 4.14 -14.74
N HIS A 337 -18.02 4.16 -16.04
CA HIS A 337 -17.27 3.35 -17.00
C HIS A 337 -16.63 4.26 -18.05
N SER A 338 -15.82 3.65 -18.91
CA SER A 338 -15.03 4.39 -19.90
C SER A 338 -15.76 4.57 -21.23
N THR A 339 -17.01 4.17 -21.33
CA THR A 339 -17.79 4.32 -22.55
C THR A 339 -18.20 5.78 -22.72
N GLU A 340 -18.53 6.14 -23.97
CA GLU A 340 -18.92 7.51 -24.29
C GLU A 340 -20.32 7.85 -23.79
N LYS A 341 -21.18 6.85 -23.61
CA LYS A 341 -22.51 7.09 -23.06
C LYS A 341 -22.49 7.31 -21.55
N VAL A 342 -21.42 6.88 -20.87
CA VAL A 342 -21.24 6.58 -19.45
C VAL A 342 -22.50 6.03 -18.75
N VAL A 343 -22.55 4.72 -18.61
CA VAL A 343 -23.59 4.07 -17.82
C VAL A 343 -22.99 3.88 -16.42
N CYS A 344 -23.84 3.92 -15.40
CA CYS A 344 -23.40 3.86 -14.02
C CYS A 344 -23.97 2.62 -13.34
N SER A 345 -23.15 1.95 -12.55
CA SER A 345 -23.56 0.81 -11.76
C SER A 345 -23.73 1.22 -10.30
N SER A 346 -24.87 0.89 -9.70
CA SER A 346 -25.22 1.38 -8.38
C SER A 346 -25.54 0.20 -7.47
N HIS A 347 -24.74 0.01 -6.42
CA HIS A 347 -24.85 -1.15 -5.54
C HIS A 347 -24.89 -0.74 -4.09
N MET A 348 -25.64 -1.47 -3.27
CA MET A 348 -25.71 -1.21 -1.84
C MET A 348 -24.64 -2.01 -1.12
N TYR A 349 -23.93 -1.35 -0.19
CA TYR A 349 -22.90 -1.98 0.63
C TYR A 349 -23.40 -2.03 2.06
N ASN A 350 -23.63 -3.25 2.56
CA ASN A 350 -23.85 -3.53 3.98
C ASN A 350 -22.91 -4.65 4.38
N VAL A 351 -22.49 -4.64 5.64
CA VAL A 351 -21.60 -5.68 6.15
C VAL A 351 -22.40 -6.72 6.92
N ASN A 363 -11.13 -8.05 4.97
CA ASN A 363 -11.70 -6.79 4.49
C ASN A 363 -10.60 -5.81 4.11
N LYS A 364 -9.43 -5.97 4.73
CA LYS A 364 -8.28 -5.13 4.40
C LYS A 364 -7.66 -5.53 3.07
N ALA A 365 -7.77 -6.82 2.70
CA ALA A 365 -7.27 -7.26 1.41
C ALA A 365 -8.21 -6.87 0.28
N LEU A 366 -9.50 -6.71 0.57
CA LEU A 366 -10.51 -6.43 -0.45
C LEU A 366 -10.53 -4.96 -0.86
N SER A 367 -9.84 -4.08 -0.12
CA SER A 367 -9.95 -2.63 -0.31
C SER A 367 -9.28 -2.16 -1.60
N SER A 368 -8.19 -2.80 -2.00
CA SER A 368 -7.61 -2.50 -3.30
C SER A 368 -8.29 -3.24 -4.44
N ALA A 369 -9.11 -4.24 -4.13
CA ALA A 369 -9.89 -4.96 -5.12
C ALA A 369 -11.28 -4.38 -5.30
N LEU A 370 -11.68 -3.41 -4.47
CA LEU A 370 -12.93 -2.69 -4.64
C LEU A 370 -12.97 -1.83 -5.91
N PHE A 371 -11.82 -1.38 -6.39
CA PHE A 371 -11.74 -0.53 -7.57
C PHE A 371 -11.61 -1.31 -8.87
N ALA A 372 -11.74 -2.63 -8.83
CA ALA A 372 -11.57 -3.46 -10.00
C ALA A 372 -12.88 -4.16 -10.36
N GLU A 373 -13.01 -4.51 -11.64
CA GLU A 373 -14.15 -5.27 -12.13
C GLU A 373 -13.86 -6.77 -12.18
N ARG A 374 -12.62 -7.15 -12.52
CA ARG A 374 -12.24 -8.54 -12.64
C ARG A 374 -11.12 -8.84 -11.64
N VAL A 375 -11.34 -9.83 -10.79
CA VAL A 375 -10.38 -10.19 -9.74
C VAL A 375 -10.01 -11.67 -9.91
N LEU A 376 -8.72 -11.95 -10.07
CA LEU A 376 -8.20 -13.31 -10.09
C LEU A 376 -7.80 -13.71 -8.68
N LEU A 377 -8.45 -14.74 -8.14
CA LEU A 377 -8.21 -15.22 -6.79
C LEU A 377 -7.20 -16.36 -6.84
N ILE A 378 -6.02 -16.14 -6.26
CA ILE A 378 -4.92 -17.09 -6.32
C ILE A 378 -4.50 -17.47 -4.91
N GLU A 379 -3.78 -18.59 -4.81
CA GLU A 379 -3.48 -19.21 -3.52
C GLU A 379 -2.31 -18.52 -2.81
N GLY A 380 -1.13 -18.52 -3.44
CA GLY A 380 0.08 -18.14 -2.75
C GLY A 380 0.91 -17.08 -3.46
N PRO A 381 2.01 -16.65 -2.82
CA PRO A 381 2.89 -15.67 -3.47
C PRO A 381 3.69 -16.19 -4.64
N SER A 382 3.94 -17.50 -4.71
CA SER A 382 4.64 -18.11 -5.85
C SER A 382 3.81 -18.09 -7.12
N GLU A 383 2.49 -18.11 -6.99
CA GLU A 383 1.60 -17.84 -8.12
C GLU A 383 1.70 -16.38 -8.55
N LYS A 384 1.83 -15.46 -7.58
CA LYS A 384 1.73 -14.03 -7.80
C LYS A 384 2.96 -13.46 -8.49
N ILE A 385 4.16 -13.95 -8.13
CA ILE A 385 5.42 -13.49 -8.74
C ILE A 385 5.51 -13.93 -10.21
N LEU A 386 5.04 -15.15 -10.50
CA LEU A 386 4.94 -15.67 -11.87
C LEU A 386 3.92 -14.90 -12.69
N PHE A 387 2.78 -14.58 -12.09
CA PHE A 387 1.75 -13.87 -12.84
C PHE A 387 2.06 -12.38 -13.02
N GLU A 388 2.76 -11.75 -12.08
CA GLU A 388 3.28 -10.41 -12.31
C GLU A 388 4.41 -10.37 -13.33
N LYS A 389 5.19 -11.44 -13.47
CA LYS A 389 6.18 -11.47 -14.55
C LYS A 389 5.54 -11.73 -15.91
N VAL A 390 4.50 -12.55 -15.99
CA VAL A 390 3.84 -12.81 -17.27
C VAL A 390 2.99 -11.62 -17.71
N LEU A 391 2.24 -11.02 -16.77
CA LEU A 391 1.26 -10.01 -17.14
C LEU A 391 1.86 -8.62 -17.36
N ASP A 392 3.16 -8.42 -17.07
CA ASP A 392 3.76 -7.18 -17.55
C ASP A 392 4.60 -7.37 -18.81
N GLU A 393 4.88 -8.63 -19.17
CA GLU A 393 5.57 -8.94 -20.40
C GLU A 393 4.63 -9.30 -21.54
N VAL A 394 3.33 -9.42 -21.28
CA VAL A 394 2.34 -9.56 -22.34
C VAL A 394 1.48 -8.30 -22.48
N GLU A 395 0.68 -7.98 -21.47
CA GLU A 395 -0.22 -6.83 -21.51
C GLU A 395 -0.04 -6.02 -20.22
N PRO A 396 0.94 -5.10 -20.17
CA PRO A 396 1.34 -4.50 -18.89
C PRO A 396 0.43 -3.41 -18.35
N GLU A 397 -0.68 -3.08 -19.00
CA GLU A 397 -1.63 -2.10 -18.50
C GLU A 397 -2.94 -2.76 -18.14
N TYR A 398 -2.88 -3.96 -17.53
CA TYR A 398 -4.08 -4.72 -17.21
C TYR A 398 -4.81 -4.15 -16.00
N GLU A 399 -4.09 -3.55 -15.06
CA GLU A 399 -4.72 -3.00 -13.87
C GLU A 399 -5.32 -1.62 -14.13
N LEU A 400 -4.83 -0.92 -15.17
CA LEU A 400 -5.51 0.29 -15.65
C LEU A 400 -6.84 -0.05 -16.32
N ASN A 401 -6.94 -1.20 -16.98
CA ASN A 401 -8.20 -1.63 -17.57
C ASN A 401 -9.15 -2.25 -16.56
N GLY A 402 -8.69 -2.59 -15.36
CA GLY A 402 -9.59 -3.05 -14.32
C GLY A 402 -9.42 -4.48 -13.87
N GLY A 403 -8.20 -5.00 -13.95
CA GLY A 403 -7.90 -6.33 -13.46
C GLY A 403 -7.09 -6.29 -12.19
N PHE A 404 -7.15 -7.35 -11.39
CA PHE A 404 -6.47 -7.35 -10.10
C PHE A 404 -6.10 -8.78 -9.72
N LEU A 405 -4.98 -8.92 -9.01
CA LEU A 405 -4.51 -10.20 -8.48
C LEU A 405 -4.69 -10.18 -6.96
N LEU A 406 -5.54 -11.06 -6.44
CA LEU A 406 -5.83 -11.10 -5.01
C LEU A 406 -5.36 -12.41 -4.39
N GLU A 407 -4.65 -12.27 -3.27
CA GLU A 407 -4.20 -13.38 -2.45
C GLU A 407 -5.29 -13.82 -1.50
N VAL A 408 -5.32 -15.13 -1.23
CA VAL A 408 -6.13 -15.64 -0.13
C VAL A 408 -5.27 -16.23 0.98
N GLY A 409 -4.02 -16.59 0.70
CA GLY A 409 -3.14 -17.13 1.72
C GLY A 409 -3.44 -18.55 2.14
N GLY A 410 -4.04 -19.35 1.26
CA GLY A 410 -4.47 -20.68 1.59
C GLY A 410 -5.33 -21.23 0.48
N THR A 411 -6.23 -22.14 0.76
CA THR A 411 -7.22 -22.60 -0.22
C THR A 411 -8.59 -22.37 0.37
N TYR A 412 -9.05 -21.12 0.34
CA TYR A 412 -10.38 -20.76 0.82
C TYR A 412 -10.83 -19.53 0.06
N PHE A 413 -11.94 -19.65 -0.65
CA PHE A 413 -12.41 -18.61 -1.54
C PHE A 413 -13.84 -18.20 -1.25
N ASN A 414 -14.56 -18.94 -0.40
CA ASN A 414 -15.97 -18.69 -0.15
C ASN A 414 -16.21 -17.48 0.76
N HIS A 415 -15.19 -17.04 1.50
CA HIS A 415 -15.27 -15.80 2.24
C HIS A 415 -15.03 -14.58 1.37
N TYR A 416 -14.48 -14.77 0.18
CA TYR A 416 -14.14 -13.70 -0.74
C TYR A 416 -15.17 -13.55 -1.85
N VAL A 417 -15.72 -14.66 -2.35
CA VAL A 417 -16.66 -14.59 -3.47
C VAL A 417 -18.04 -14.10 -3.08
N CYS A 418 -18.43 -14.21 -1.80
CA CYS A 418 -19.69 -13.62 -1.37
C CYS A 418 -19.59 -12.11 -1.24
N THR A 419 -18.40 -11.61 -0.92
CA THR A 419 -18.16 -10.17 -0.92
C THR A 419 -18.08 -9.63 -2.33
N LEU A 420 -17.39 -10.34 -3.23
CA LEU A 420 -17.25 -9.86 -4.60
C LEU A 420 -18.53 -10.06 -5.43
N ASN A 421 -19.39 -11.01 -5.05
CA ASN A 421 -20.62 -11.27 -5.80
C ASN A 421 -21.67 -10.20 -5.52
N ASP A 422 -21.70 -9.66 -4.30
CA ASP A 422 -22.67 -8.65 -3.92
C ASP A 422 -22.38 -7.27 -4.50
N LEU A 423 -21.16 -7.05 -5.00
CA LEU A 423 -20.72 -5.73 -5.44
C LEU A 423 -20.48 -5.66 -6.94
N GLY A 424 -20.87 -6.70 -7.68
CA GLY A 424 -20.73 -6.69 -9.12
C GLY A 424 -19.34 -6.91 -9.64
N ILE A 425 -18.43 -7.45 -8.83
CA ILE A 425 -17.05 -7.68 -9.23
C ILE A 425 -16.90 -9.13 -9.65
N THR A 426 -16.40 -9.36 -10.86
CA THR A 426 -16.28 -10.70 -11.42
C THR A 426 -15.08 -11.39 -10.81
N HIS A 427 -15.31 -12.36 -9.93
CA HIS A 427 -14.24 -13.15 -9.35
C HIS A 427 -13.82 -14.24 -10.33
N ILE A 428 -12.53 -14.58 -10.32
CA ILE A 428 -11.98 -15.72 -11.07
C ILE A 428 -11.12 -16.52 -10.09
N ILE A 429 -11.36 -17.83 -10.00
CA ILE A 429 -10.71 -18.69 -9.01
C ILE A 429 -9.75 -19.64 -9.72
N LYS A 430 -8.50 -19.64 -9.28
CA LYS A 430 -7.51 -20.64 -9.69
C LYS A 430 -7.08 -21.44 -8.48
N THR A 431 -7.25 -22.76 -8.55
CA THR A 431 -6.88 -23.65 -7.45
C THR A 431 -6.37 -24.95 -8.02
N ASP A 432 -5.73 -25.75 -7.16
CA ASP A 432 -5.03 -26.96 -7.57
C ASP A 432 -5.69 -28.18 -6.94
N ASN A 433 -5.61 -29.31 -7.66
CA ASN A 433 -6.23 -30.55 -7.20
C ASN A 433 -5.37 -31.22 -6.12
N ASP A 434 -5.98 -31.50 -4.97
CA ASP A 434 -5.27 -32.06 -3.83
C ASP A 434 -5.95 -33.33 -3.34
N LEU A 435 -5.16 -34.21 -2.75
CA LEU A 435 -5.61 -35.44 -2.14
C LEU A 435 -5.29 -35.40 -0.65
N LYS A 436 -6.10 -36.07 0.17
CA LYS A 436 -5.79 -36.07 1.60
C LYS A 436 -6.09 -37.44 2.17
N SER A 437 -5.19 -37.96 3.01
CA SER A 437 -5.44 -39.23 3.70
C SER A 437 -6.54 -39.07 4.75
N LYS A 438 -7.32 -40.12 4.93
CA LYS A 438 -8.44 -40.11 5.86
C LYS A 438 -8.00 -40.65 7.21
N LYS A 439 -8.52 -40.03 8.27
CA LYS A 439 -8.24 -40.50 9.63
C LYS A 439 -9.01 -41.79 9.92
N GLY A 440 -8.32 -42.76 10.48
CA GLY A 440 -8.91 -44.04 10.83
C GLY A 440 -8.83 -45.10 9.77
N LYS A 441 -8.52 -44.73 8.52
CA LYS A 441 -8.40 -45.69 7.44
C LYS A 441 -7.05 -45.53 6.77
N LYS A 442 -6.44 -46.67 6.47
CA LYS A 442 -5.14 -46.72 5.80
C LYS A 442 -5.36 -47.09 4.35
N GLY A 443 -4.97 -46.19 3.45
CA GLY A 443 -5.13 -46.40 2.03
C GLY A 443 -6.31 -45.71 1.40
N VAL A 444 -7.27 -45.23 2.20
CA VAL A 444 -8.44 -44.55 1.68
C VAL A 444 -8.15 -43.05 1.63
N TYR A 445 -8.26 -42.47 0.44
CA TYR A 445 -7.90 -41.08 0.20
C TYR A 445 -9.14 -40.30 -0.21
N GLU A 446 -9.24 -39.06 0.28
CA GLU A 446 -10.38 -38.22 0.03
C GLU A 446 -10.01 -37.08 -0.92
N LEU A 447 -11.02 -36.63 -1.65
CA LEU A 447 -10.88 -35.81 -2.85
C LEU A 447 -11.06 -34.35 -2.45
N LEU A 448 -9.98 -33.74 -1.96
CA LEU A 448 -10.06 -32.45 -1.28
C LEU A 448 -10.23 -31.28 -2.25
N GLY A 449 -9.45 -31.25 -3.33
CA GLY A 449 -9.51 -30.13 -4.25
C GLY A 449 -10.71 -30.15 -5.17
N LEU A 450 -11.30 -31.33 -5.39
CA LEU A 450 -12.55 -31.42 -6.12
C LEU A 450 -13.72 -30.97 -5.26
N ASN A 451 -13.72 -31.36 -3.99
CA ASN A 451 -14.79 -30.99 -3.06
C ASN A 451 -14.74 -29.53 -2.65
N ARG A 452 -13.58 -28.87 -2.71
CA ARG A 452 -13.57 -27.43 -2.46
C ARG A 452 -14.12 -26.62 -3.61
N CYS A 453 -14.20 -27.18 -4.82
CA CYS A 453 -14.94 -26.56 -5.92
C CYS A 453 -16.40 -26.97 -5.93
N LEU A 454 -16.73 -28.15 -5.39
CA LEU A 454 -18.13 -28.50 -5.21
C LEU A 454 -18.81 -27.70 -4.10
N ASN A 455 -18.09 -27.31 -3.05
CA ASN A 455 -18.68 -26.47 -2.02
C ASN A 455 -18.83 -25.01 -2.44
N LEU A 456 -18.08 -24.56 -3.45
CA LEU A 456 -18.29 -23.21 -3.97
C LEU A 456 -19.55 -23.11 -4.81
N LEU A 457 -19.99 -24.23 -5.38
CA LEU A 457 -21.20 -24.26 -6.18
C LEU A 457 -22.43 -24.68 -5.38
N GLY A 458 -22.26 -25.01 -4.11
CA GLY A 458 -23.36 -25.50 -3.31
C GLY A 458 -23.72 -26.94 -3.54
N ARG A 459 -22.84 -27.72 -4.15
CA ARG A 459 -23.14 -29.07 -4.57
C ARG A 459 -22.78 -30.08 -3.48
N GLU A 460 -22.88 -31.36 -3.81
CA GLU A 460 -22.60 -32.46 -2.90
C GLU A 460 -21.19 -32.98 -3.10
N ASN A 461 -20.67 -33.63 -2.06
CA ASN A 461 -19.32 -34.18 -2.11
C ASN A 461 -19.29 -35.49 -2.90
N LEU A 462 -18.09 -35.93 -3.23
CA LEU A 462 -17.87 -37.17 -3.94
C LEU A 462 -17.46 -38.28 -2.99
N ASP A 463 -17.59 -39.52 -3.46
CA ASP A 463 -17.11 -40.66 -2.70
C ASP A 463 -15.60 -40.80 -2.85
N GLU A 464 -15.01 -41.63 -2.00
CA GLU A 464 -13.56 -41.66 -1.83
C GLU A 464 -12.92 -42.78 -2.64
N ILE A 465 -11.61 -42.69 -2.78
CA ILE A 465 -10.83 -43.64 -3.57
C ILE A 465 -10.00 -44.50 -2.63
N THR A 466 -9.34 -45.51 -3.20
CA THR A 466 -8.43 -46.37 -2.46
C THR A 466 -7.12 -46.49 -3.25
N ILE A 467 -6.03 -46.00 -2.66
CA ILE A 467 -4.69 -46.13 -3.22
C ILE A 467 -3.89 -47.03 -2.30
N ASP A 468 -3.24 -48.06 -2.85
CA ASP A 468 -2.30 -48.86 -2.08
C ASP A 468 -0.86 -48.38 -2.31
N ILE A 469 -0.13 -48.23 -1.20
CA ILE A 469 1.26 -47.73 -1.19
C ILE A 469 2.04 -48.67 -0.28
N PRO A 470 3.20 -49.21 -0.73
CA PRO A 470 4.05 -50.02 0.16
C PRO A 470 4.88 -49.21 1.15
N GLU A 471 5.82 -49.88 1.84
CA GLU A 471 6.65 -49.19 2.83
C GLU A 471 7.69 -48.29 2.15
N ASP A 472 8.60 -48.90 1.36
CA ASP A 472 9.66 -48.39 0.47
C ASP A 472 10.37 -47.08 0.87
N ILE A 473 10.46 -46.11 -0.03
CA ILE A 473 10.88 -44.76 0.30
C ILE A 473 9.74 -43.79 -0.03
N LYS A 474 9.54 -42.80 0.82
CA LYS A 474 8.39 -41.91 0.72
C LYS A 474 8.77 -40.50 0.30
N GLY A 475 9.99 -40.31 -0.19
CA GLY A 475 10.42 -38.99 -0.58
C GLY A 475 9.96 -38.61 -1.98
N LYS A 476 10.39 -39.39 -2.97
CA LYS A 476 10.11 -39.11 -4.36
C LYS A 476 9.06 -40.04 -4.96
N LYS A 477 9.12 -41.32 -4.61
CA LYS A 477 8.27 -42.36 -5.21
C LYS A 477 6.82 -42.28 -4.77
N LYS A 478 6.55 -41.87 -3.53
CA LYS A 478 5.19 -41.71 -3.02
C LYS A 478 4.47 -40.55 -3.71
N LYS A 479 5.21 -39.47 -3.98
CA LYS A 479 4.69 -38.35 -4.76
C LYS A 479 4.43 -38.75 -6.21
N GLU A 480 5.26 -39.63 -6.77
CA GLU A 480 5.03 -40.12 -8.13
C GLU A 480 3.87 -41.10 -8.22
N ARG A 481 3.53 -41.79 -7.13
CA ARG A 481 2.26 -42.53 -7.13
C ARG A 481 1.06 -41.59 -7.03
N LEU A 482 1.18 -40.55 -6.19
CA LEU A 482 0.08 -39.61 -5.99
C LEU A 482 -0.15 -38.66 -7.16
N ASN A 483 0.83 -38.44 -8.02
CA ASN A 483 0.59 -37.68 -9.24
C ASN A 483 -0.23 -38.49 -10.26
N GLU A 484 0.15 -39.76 -10.42
CA GLU A 484 -0.50 -40.67 -11.37
C GLU A 484 -1.90 -41.06 -10.95
N ARG A 485 -2.21 -41.01 -9.66
CA ARG A 485 -3.61 -41.19 -9.27
C ARG A 485 -4.45 -39.95 -9.59
N LYS A 486 -3.92 -38.74 -9.35
CA LYS A 486 -4.65 -37.50 -9.57
C LYS A 486 -4.88 -37.17 -11.03
N LYS A 487 -3.99 -37.64 -11.94
CA LYS A 487 -4.28 -37.51 -13.37
C LYS A 487 -5.43 -38.41 -13.82
N GLU A 488 -5.56 -39.59 -13.22
CA GLU A 488 -6.68 -40.48 -13.52
C GLU A 488 -7.99 -39.96 -12.92
N ILE A 489 -7.91 -39.28 -11.77
CA ILE A 489 -9.07 -38.57 -11.22
C ILE A 489 -9.48 -37.39 -12.11
N PHE A 490 -8.49 -36.63 -12.61
CA PHE A 490 -8.75 -35.44 -13.39
C PHE A 490 -9.25 -35.76 -14.79
N LYS A 491 -8.94 -36.93 -15.33
CA LYS A 491 -9.63 -37.42 -16.53
C LYS A 491 -10.88 -38.24 -16.22
N GLN A 492 -11.10 -38.67 -14.97
CA GLN A 492 -12.31 -39.39 -14.62
C GLN A 492 -13.52 -38.44 -14.53
N TYR A 493 -13.32 -37.27 -13.92
CA TYR A 493 -14.38 -36.30 -13.69
C TYR A 493 -14.26 -35.07 -14.61
N LYS A 494 -13.93 -35.31 -15.89
CA LYS A 494 -13.63 -34.25 -16.85
C LYS A 494 -14.87 -33.43 -17.24
N ASN A 495 -16.04 -34.07 -17.26
CA ASN A 495 -17.28 -33.33 -17.51
C ASN A 495 -17.72 -32.51 -16.30
N GLU A 496 -17.23 -32.82 -15.11
CA GLU A 496 -17.43 -32.00 -13.93
C GLU A 496 -16.40 -30.88 -13.81
N VAL A 497 -15.19 -31.10 -14.35
CA VAL A 497 -14.22 -30.02 -14.58
C VAL A 497 -14.76 -29.02 -15.60
N GLY A 498 -15.51 -29.51 -16.60
CA GLY A 498 -16.22 -28.67 -17.56
C GLY A 498 -17.30 -27.78 -16.97
N GLU A 499 -18.07 -28.27 -16.00
CA GLU A 499 -19.03 -27.39 -15.34
C GLU A 499 -18.43 -26.59 -14.20
N PHE A 500 -17.22 -26.93 -13.74
CA PHE A 500 -16.45 -25.99 -12.94
C PHE A 500 -15.99 -24.82 -13.78
N LEU A 501 -15.52 -25.09 -15.01
CA LEU A 501 -15.01 -24.10 -15.94
C LEU A 501 -16.13 -23.36 -16.67
N GLY A 502 -17.38 -23.85 -16.60
CA GLY A 502 -18.52 -23.04 -17.00
C GLY A 502 -18.79 -21.88 -16.06
N GLU A 503 -18.45 -22.04 -14.79
CA GLU A 503 -18.39 -20.96 -13.82
C GLU A 503 -16.92 -20.50 -13.82
N ARG A 504 -16.51 -19.57 -12.97
CA ARG A 504 -15.14 -19.06 -13.04
C ARG A 504 -14.20 -19.80 -12.09
N ILE A 505 -14.36 -21.10 -11.93
CA ILE A 505 -13.47 -21.91 -11.11
C ILE A 505 -12.60 -22.74 -12.02
N TYR A 506 -11.29 -22.57 -11.91
CA TYR A 506 -10.33 -23.27 -12.74
C TYR A 506 -9.52 -24.19 -11.83
N LEU A 507 -9.52 -25.48 -12.14
CA LEU A 507 -8.85 -26.48 -11.33
C LEU A 507 -7.73 -27.10 -12.14
N SER A 508 -6.53 -27.14 -11.56
CA SER A 508 -5.36 -27.68 -12.23
C SER A 508 -5.39 -29.20 -12.20
N GLU A 509 -4.45 -29.81 -12.94
CA GLU A 509 -4.32 -31.26 -12.95
C GLU A 509 -3.71 -31.76 -11.66
N ILE A 510 -2.53 -31.24 -11.30
CA ILE A 510 -1.88 -31.57 -10.05
C ILE A 510 -1.66 -30.28 -9.26
N ASP A 511 -0.79 -29.41 -9.77
CA ASP A 511 -0.33 -28.21 -9.09
C ASP A 511 -0.07 -27.12 -10.13
N LEU A 512 0.54 -26.02 -9.68
CA LEU A 512 1.06 -25.01 -10.58
C LEU A 512 2.35 -25.49 -11.25
N GLU A 513 3.20 -26.19 -10.50
CA GLU A 513 4.53 -26.59 -10.96
C GLU A 513 4.50 -27.72 -11.98
N ASN A 514 3.39 -28.43 -12.11
CA ASN A 514 3.30 -29.51 -13.08
C ASN A 514 2.65 -29.11 -14.39
N ASP A 515 1.73 -28.14 -14.40
CA ASP A 515 1.27 -27.60 -15.66
C ASP A 515 2.07 -26.37 -16.10
N LEU A 516 2.96 -25.88 -15.24
CA LEU A 516 4.03 -24.99 -15.67
C LEU A 516 5.10 -25.77 -16.42
N TYR A 517 5.32 -27.02 -16.03
CA TYR A 517 6.22 -27.92 -16.76
C TYR A 517 5.65 -28.38 -18.09
N SER A 518 4.33 -28.35 -18.25
CA SER A 518 3.71 -28.74 -19.51
C SER A 518 3.80 -27.68 -20.60
N ALA A 519 4.22 -26.46 -20.27
CA ALA A 519 4.40 -25.39 -21.25
C ALA A 519 5.87 -25.08 -21.49
N ILE A 520 6.61 -24.71 -20.44
CA ILE A 520 7.97 -24.19 -20.58
C ILE A 520 8.98 -25.17 -20.01
N GLY A 521 8.67 -26.46 -20.07
CA GLY A 521 9.55 -27.52 -19.57
C GLY A 521 10.83 -27.72 -20.37
N GLU A 522 10.84 -27.30 -21.64
CA GLU A 522 12.07 -27.22 -22.39
C GLU A 522 12.93 -26.03 -21.99
N SER A 523 12.33 -25.01 -21.37
CA SER A 523 13.06 -23.84 -20.89
C SER A 523 13.45 -23.94 -19.43
N MET A 524 12.86 -24.89 -18.69
CA MET A 524 13.10 -25.00 -17.27
C MET A 524 14.40 -25.72 -16.95
N LYS A 525 14.84 -26.62 -17.83
CA LYS A 525 16.04 -27.41 -17.59
C LYS A 525 17.31 -26.62 -17.86
N ARG A 526 17.23 -25.55 -18.64
CA ARG A 526 18.39 -24.72 -18.94
C ARG A 526 18.75 -23.82 -17.76
N ILE A 527 17.73 -23.29 -17.09
CA ILE A 527 17.92 -22.29 -16.03
C ILE A 527 18.47 -22.92 -14.76
N PHE A 528 17.88 -24.04 -14.34
CA PHE A 528 18.30 -24.70 -13.11
C PHE A 528 19.51 -25.60 -13.30
N GLU A 529 19.84 -25.94 -14.56
CA GLU A 529 20.81 -26.98 -14.98
C GLU A 529 20.55 -28.31 -14.29
N ASN A 530 19.29 -28.74 -14.27
CA ASN A 530 18.89 -29.96 -13.59
C ASN A 530 17.93 -30.74 -14.48
N GLU A 531 17.92 -32.06 -14.29
CA GLU A 531 17.07 -32.92 -15.11
C GLU A 531 15.61 -32.84 -14.66
N ASP A 532 15.38 -32.73 -13.35
CA ASP A 532 14.03 -32.61 -12.81
C ASP A 532 13.84 -31.22 -12.21
N PRO A 533 13.22 -30.27 -12.93
CA PRO A 533 13.06 -28.92 -12.37
C PRO A 533 11.84 -28.76 -11.47
N VAL A 534 10.86 -29.67 -11.60
CA VAL A 534 9.68 -29.65 -10.75
C VAL A 534 10.03 -30.06 -9.32
N HIS A 535 10.87 -31.09 -9.20
CA HIS A 535 11.41 -31.49 -7.90
C HIS A 535 12.41 -30.46 -7.35
N TYR A 536 13.06 -29.69 -8.23
CA TYR A 536 13.94 -28.61 -7.78
C TYR A 536 13.13 -27.41 -7.27
N LEU A 537 11.97 -27.13 -7.87
CA LEU A 537 11.07 -26.13 -7.31
C LEU A 537 10.32 -26.64 -6.09
N GLN A 538 10.20 -27.95 -5.91
CA GLN A 538 9.45 -28.53 -4.80
C GLN A 538 10.18 -28.35 -3.46
N LYS A 539 11.50 -28.17 -3.49
CA LYS A 539 12.29 -27.97 -2.26
C LYS A 539 12.03 -26.60 -1.65
N SER A 540 12.28 -25.53 -2.40
CA SER A 540 11.90 -24.18 -2.01
C SER A 540 10.93 -23.66 -3.07
N LYS A 541 9.69 -23.41 -2.66
CA LYS A 541 8.64 -23.13 -3.63
C LYS A 541 8.70 -21.68 -4.14
N LEU A 542 9.15 -20.75 -3.30
CA LEU A 542 9.21 -19.34 -3.68
C LEU A 542 10.61 -18.87 -4.05
N PHE A 543 11.65 -19.37 -3.36
CA PHE A 543 13.03 -18.96 -3.58
C PHE A 543 13.57 -19.49 -4.91
N ASN A 544 13.16 -20.70 -5.30
CA ASN A 544 13.49 -21.17 -6.64
C ASN A 544 12.52 -20.66 -7.70
N MET A 545 11.39 -20.09 -7.29
CA MET A 545 10.50 -19.45 -8.27
C MET A 545 11.08 -18.11 -8.71
N VAL A 546 11.60 -17.32 -7.77
CA VAL A 546 12.14 -16.00 -8.13
C VAL A 546 13.47 -16.07 -8.87
N GLU A 547 14.18 -17.20 -8.81
CA GLU A 547 15.33 -17.41 -9.69
C GLU A 547 14.88 -17.74 -11.11
N LEU A 548 13.72 -18.40 -11.25
CA LEU A 548 13.13 -18.62 -12.57
C LEU A 548 12.54 -17.33 -13.14
N VAL A 549 11.99 -16.49 -12.27
CA VAL A 549 11.44 -15.19 -12.68
C VAL A 549 12.55 -14.23 -13.09
N ASN A 550 13.66 -14.21 -12.34
CA ASN A 550 14.76 -13.29 -12.60
C ASN A 550 15.58 -13.65 -13.83
N ASN A 551 15.50 -14.90 -14.31
CA ASN A 551 16.09 -15.29 -15.59
C ASN A 551 14.98 -15.88 -16.45
N LEU A 552 14.23 -15.03 -17.15
CA LEU A 552 13.15 -15.54 -17.99
C LEU A 552 13.02 -14.63 -19.21
N SER A 553 12.88 -15.24 -20.38
CA SER A 553 12.91 -14.50 -21.63
C SER A 553 11.54 -13.88 -21.92
N THR A 554 11.53 -12.96 -22.89
CA THR A 554 10.32 -12.23 -23.25
C THR A 554 9.35 -13.09 -24.05
N LYS A 555 9.84 -14.04 -24.84
CA LYS A 555 8.98 -14.92 -25.62
C LYS A 555 8.37 -16.02 -24.77
N ASP A 556 8.93 -16.29 -23.60
CA ASP A 556 8.50 -17.39 -22.74
C ASP A 556 7.19 -17.06 -22.02
N CYS A 557 6.93 -15.78 -21.74
CA CYS A 557 5.69 -15.37 -21.11
C CYS A 557 4.49 -15.49 -22.04
N PHE A 558 4.69 -15.38 -23.35
CA PHE A 558 3.67 -15.70 -24.33
C PHE A 558 3.37 -17.19 -24.37
N ASP A 559 4.40 -18.03 -24.17
CA ASP A 559 4.22 -19.48 -24.09
C ASP A 559 3.49 -19.90 -22.83
N VAL A 560 3.70 -19.18 -21.72
CA VAL A 560 2.91 -19.43 -20.52
C VAL A 560 1.47 -18.95 -20.72
N PHE A 561 1.30 -17.72 -21.22
CA PHE A 561 0.03 -17.01 -21.28
C PHE A 561 -0.93 -17.56 -22.33
N GLU A 562 -0.41 -18.17 -23.40
CA GLU A 562 -1.25 -18.70 -24.46
C GLU A 562 -1.48 -20.20 -24.36
N HIS A 563 -1.18 -20.81 -23.22
CA HIS A 563 -1.38 -22.24 -23.03
C HIS A 563 -2.86 -22.55 -22.81
N GLU A 564 -3.23 -23.82 -23.04
CA GLU A 564 -4.62 -24.23 -22.91
C GLU A 564 -5.04 -24.47 -21.47
N LYS A 565 -4.09 -24.60 -20.55
CA LYS A 565 -4.39 -24.79 -19.14
C LYS A 565 -4.16 -23.54 -18.31
N PHE A 566 -3.54 -22.52 -18.90
CA PHE A 566 -3.42 -21.20 -18.28
C PHE A 566 -4.49 -20.26 -18.82
N ALA A 567 -5.74 -20.73 -18.78
CA ALA A 567 -6.89 -19.97 -19.23
C ALA A 567 -7.55 -19.17 -18.12
N CYS A 568 -6.98 -19.19 -16.91
CA CYS A 568 -7.42 -18.31 -15.85
C CYS A 568 -6.97 -16.88 -16.10
N LEU A 569 -5.84 -16.71 -16.79
CA LEU A 569 -5.29 -15.39 -17.08
C LEU A 569 -6.08 -14.67 -18.14
N LYS A 570 -6.59 -15.42 -19.13
CA LYS A 570 -7.29 -14.87 -20.29
C LYS A 570 -8.65 -14.30 -19.93
N GLU A 571 -9.27 -14.79 -18.86
CA GLU A 571 -10.48 -14.18 -18.36
C GLU A 571 -10.22 -12.96 -17.48
N LEU A 572 -8.99 -12.77 -17.03
CA LEU A 572 -8.69 -11.57 -16.25
C LEU A 572 -8.49 -10.36 -17.16
N VAL A 573 -7.77 -10.54 -18.27
CA VAL A 573 -7.51 -9.46 -19.19
C VAL A 573 -8.69 -9.16 -20.10
N GLY A 574 -9.65 -10.07 -20.22
CA GLY A 574 -10.87 -9.81 -20.96
C GLY A 574 -10.79 -10.03 -22.45
N SER A 575 -9.66 -10.53 -22.97
CA SER A 575 -9.54 -10.78 -24.40
C SER A 575 -10.08 -12.15 -24.75
N MET B 1 32.95 6.36 -13.26
CA MET B 1 33.14 6.93 -11.94
C MET B 1 31.82 7.08 -11.18
N LYS B 2 31.93 7.38 -9.90
CA LYS B 2 30.79 7.46 -9.01
C LYS B 2 30.97 8.70 -8.15
N PHE B 3 29.86 9.20 -7.59
CA PHE B 3 29.97 10.29 -6.63
C PHE B 3 30.53 9.78 -5.32
N SER B 4 31.36 10.60 -4.66
CA SER B 4 31.97 10.18 -3.41
C SER B 4 31.35 10.87 -2.22
N ASN B 5 31.41 12.21 -2.11
CA ASN B 5 30.66 12.91 -1.06
C ASN B 5 30.36 14.36 -1.45
N ILE B 6 29.47 14.98 -0.69
CA ILE B 6 29.25 16.41 -0.76
C ILE B 6 29.49 16.98 0.64
N THR B 7 30.00 18.21 0.69
CA THR B 7 30.29 18.91 1.94
C THR B 7 29.61 20.27 1.84
N ILE B 8 28.53 20.46 2.57
CA ILE B 8 27.74 21.68 2.53
C ILE B 8 27.94 22.38 3.86
N LYS B 9 28.34 23.66 3.85
CA LYS B 9 28.74 24.29 5.08
C LYS B 9 27.81 25.39 5.56
N ASN B 10 27.64 26.50 4.86
CA ASN B 10 26.95 27.63 5.49
C ASN B 10 25.67 27.97 4.74
N PHE B 11 25.01 26.96 4.19
CA PHE B 11 23.85 27.15 3.33
C PHE B 11 22.63 27.09 4.26
N ARG B 12 21.41 27.22 3.71
CA ARG B 12 20.19 27.72 4.36
C ARG B 12 19.61 26.85 5.47
N ASN B 13 20.08 25.64 5.66
CA ASN B 13 19.68 24.86 6.83
C ASN B 13 20.86 24.21 7.52
N PHE B 14 21.98 24.05 6.84
CA PHE B 14 23.11 23.24 7.29
C PHE B 14 24.17 24.11 7.94
N GLU B 15 24.89 23.53 8.91
CA GLU B 15 25.99 24.21 9.59
C GLU B 15 27.35 23.61 9.29
N LYS B 16 27.43 22.27 9.26
CA LYS B 16 28.54 21.52 8.65
C LYS B 16 27.99 20.11 8.39
N VAL B 17 27.69 19.78 7.15
CA VAL B 17 27.33 18.40 6.82
C VAL B 17 28.32 17.86 5.79
N ASN B 18 28.82 16.65 6.06
CA ASN B 18 29.70 15.88 5.18
C ASN B 18 28.91 14.63 4.79
N ILE B 19 28.10 14.72 3.76
CA ILE B 19 27.17 13.66 3.39
C ILE B 19 27.86 12.77 2.37
N ASN B 20 28.14 11.53 2.77
CA ASN B 20 28.76 10.55 1.88
C ASN B 20 27.67 9.90 1.03
N LEU B 21 27.73 10.13 -0.28
CA LEU B 21 26.70 9.69 -1.20
C LEU B 21 27.31 9.04 -2.41
N ASP B 22 26.75 7.91 -2.83
CA ASP B 22 27.17 7.18 -4.01
C ASP B 22 26.22 7.61 -5.15
N ASN B 23 26.18 6.86 -6.25
CA ASN B 23 25.15 7.11 -7.24
C ASN B 23 23.84 6.48 -6.79
N LYS B 24 22.76 6.86 -7.49
CA LYS B 24 21.35 6.44 -7.29
C LYS B 24 20.88 6.74 -5.87
N ASN B 25 20.83 8.03 -5.55
CA ASN B 25 20.57 8.47 -4.18
C ASN B 25 19.07 8.60 -3.91
N VAL B 26 18.61 8.01 -2.81
CA VAL B 26 17.20 8.04 -2.41
C VAL B 26 17.11 8.78 -1.08
N ILE B 27 16.28 9.84 -1.06
CA ILE B 27 16.21 10.80 0.03
C ILE B 27 14.79 10.72 0.59
N PHE B 28 14.67 10.50 1.89
CA PHE B 28 13.37 10.41 2.54
C PHE B 28 13.49 10.84 3.99
N GLY B 29 12.35 11.10 4.61
CA GLY B 29 12.30 11.52 5.98
C GLY B 29 11.13 12.45 6.22
N MET B 30 10.98 12.86 7.49
CA MET B 30 9.89 13.74 7.88
C MET B 30 10.21 15.22 7.70
N ASN B 31 11.46 15.55 7.37
CA ASN B 31 11.86 16.93 7.09
C ASN B 31 11.78 17.14 5.57
N ASP B 32 10.63 17.63 5.10
CA ASP B 32 10.48 17.88 3.67
C ASP B 32 11.20 19.15 3.24
N ILE B 33 11.37 20.08 4.20
CA ILE B 33 12.13 21.30 4.00
C ILE B 33 13.61 20.99 3.80
N GLY B 34 14.14 20.02 4.55
CA GLY B 34 15.54 19.61 4.38
C GLY B 34 15.81 18.83 3.11
N LYS B 35 14.81 18.09 2.61
CA LYS B 35 14.93 17.42 1.32
C LYS B 35 14.90 18.42 0.16
N THR B 36 14.01 19.43 0.27
CA THR B 36 13.92 20.51 -0.72
C THR B 36 15.19 21.38 -0.72
N ASN B 37 15.76 21.62 0.46
CA ASN B 37 16.98 22.42 0.57
C ASN B 37 18.21 21.65 0.13
N PHE B 38 18.22 20.32 0.26
CA PHE B 38 19.32 19.51 -0.25
C PHE B 38 19.31 19.45 -1.78
N LEU B 39 18.12 19.36 -2.38
CA LEU B 39 18.01 19.44 -3.84
C LEU B 39 18.31 20.85 -4.37
N TYR B 40 17.97 21.91 -3.60
CA TYR B 40 18.36 23.26 -4.00
C TYR B 40 19.86 23.53 -3.83
N ALA B 41 20.51 22.83 -2.88
CA ALA B 41 21.97 22.90 -2.76
C ALA B 41 22.65 22.26 -3.97
N LEU B 42 22.07 21.17 -4.48
CA LEU B 42 22.58 20.60 -5.73
C LEU B 42 22.27 21.47 -6.95
N ARG B 43 21.14 22.22 -6.95
CA ARG B 43 20.87 23.12 -8.07
C ARG B 43 21.77 24.36 -8.06
N PHE B 44 22.08 24.91 -6.88
CA PHE B 44 23.08 25.98 -6.84
C PHE B 44 24.50 25.50 -7.10
N LEU B 45 24.80 24.22 -6.84
CA LEU B 45 26.11 23.72 -7.19
C LEU B 45 26.25 23.48 -8.70
N LEU B 46 25.22 22.93 -9.34
CA LEU B 46 25.40 22.35 -10.67
C LEU B 46 24.47 22.82 -11.79
N ASP B 47 23.46 23.66 -11.51
CA ASP B 47 22.51 24.10 -12.54
C ASP B 47 22.72 25.57 -12.83
N LYS B 48 22.49 25.97 -14.09
CA LYS B 48 22.83 27.31 -14.55
C LYS B 48 21.80 28.33 -14.10
N GLU B 49 20.52 28.00 -14.25
CA GLU B 49 19.42 28.94 -14.09
C GLU B 49 19.10 29.24 -12.64
N ILE B 50 19.61 28.47 -11.70
CA ILE B 50 19.50 28.81 -10.29
C ILE B 50 20.71 29.63 -9.85
N ARG B 51 21.90 29.29 -10.34
CA ARG B 51 23.14 29.92 -9.95
C ARG B 51 23.33 31.30 -10.59
N LYS B 52 22.63 31.60 -11.68
CA LYS B 52 22.78 32.91 -12.32
C LYS B 52 22.09 34.05 -11.57
N PHE B 53 21.20 33.74 -10.63
CA PHE B 53 20.62 34.76 -9.77
C PHE B 53 21.42 35.00 -8.51
N GLY B 54 22.28 34.07 -8.13
CA GLY B 54 23.06 34.21 -6.91
C GLY B 54 22.27 33.86 -5.67
N PHE B 55 22.93 34.05 -4.53
CA PHE B 55 22.30 33.85 -3.23
C PHE B 55 21.52 35.09 -2.83
N ASN B 56 20.33 34.88 -2.27
CA ASN B 56 19.54 35.96 -1.69
C ASN B 56 19.92 36.12 -0.22
N LYS B 57 19.16 36.92 0.52
CA LYS B 57 19.40 37.07 1.96
C LYS B 57 18.95 35.84 2.76
N SER B 58 17.98 35.09 2.22
CA SER B 58 17.37 33.97 2.93
C SER B 58 18.29 32.76 3.04
N ASP B 59 19.10 32.48 2.03
CA ASP B 59 20.04 31.36 2.10
C ASP B 59 21.45 31.77 2.55
N TYR B 60 21.49 32.48 3.69
CA TYR B 60 22.70 32.82 4.43
C TYR B 60 22.52 32.23 5.82
N HIS B 61 22.74 30.92 5.94
CA HIS B 61 22.38 30.04 7.07
C HIS B 61 20.95 30.30 7.57
N LYS B 62 20.78 30.98 8.71
CA LYS B 62 19.43 31.19 9.23
C LYS B 62 18.77 32.40 8.54
N HIS B 63 19.23 33.61 8.87
CA HIS B 63 18.90 34.81 8.10
C HIS B 63 20.03 35.81 8.02
N ASP B 64 21.15 35.59 8.71
CA ASP B 64 22.23 36.56 8.78
C ASP B 64 23.53 35.85 9.08
N THR B 65 24.62 36.61 9.03
CA THR B 65 26.05 36.28 9.21
C THR B 65 26.42 35.18 8.20
N SER B 66 27.35 34.30 8.63
CA SER B 66 27.79 33.08 7.95
C SER B 66 28.38 33.38 6.56
N LYS B 67 29.49 34.11 6.60
CA LYS B 67 29.97 34.91 5.48
C LYS B 67 30.79 34.12 4.46
N LYS B 68 30.85 32.80 4.57
CA LYS B 68 31.63 31.99 3.63
C LYS B 68 30.89 30.66 3.46
N ILE B 69 30.08 30.56 2.40
CA ILE B 69 29.30 29.37 2.13
C ILE B 69 30.10 28.47 1.21
N GLU B 70 30.57 27.34 1.71
CA GLU B 70 31.39 26.42 0.91
C GLU B 70 30.59 25.15 0.63
N ILE B 71 30.33 24.87 -0.64
CA ILE B 71 29.76 23.59 -1.05
C ILE B 71 30.78 22.88 -1.92
N ILE B 72 31.35 21.80 -1.42
CA ILE B 72 32.46 21.12 -2.08
C ILE B 72 32.03 19.70 -2.41
N LEU B 73 32.10 19.32 -3.68
CA LEU B 73 31.68 18.00 -4.13
C LEU B 73 32.91 17.22 -4.59
N THR B 74 33.01 15.95 -4.18
CA THR B 74 34.09 15.07 -4.59
C THR B 74 33.50 13.88 -5.33
N LEU B 75 34.16 13.51 -6.44
CA LEU B 75 33.73 12.48 -7.36
C LEU B 75 34.80 11.43 -7.65
N ASP B 76 36.03 11.64 -7.18
CA ASP B 76 37.20 10.75 -7.06
C ASP B 76 37.79 10.13 -8.35
N LEU B 77 37.09 10.24 -9.49
CA LEU B 77 37.56 10.21 -10.88
C LEU B 77 38.14 8.88 -11.39
N SER B 78 38.38 7.89 -10.54
CA SER B 78 39.18 6.74 -10.95
C SER B 78 38.28 5.52 -11.12
N ASN B 79 37.67 5.42 -12.29
CA ASN B 79 37.14 4.14 -12.75
C ASN B 79 37.61 3.77 -14.14
N TYR B 80 37.57 4.73 -15.08
CA TYR B 80 37.80 4.61 -16.53
C TYR B 80 37.05 3.44 -17.18
N GLU B 81 37.81 2.38 -17.52
CA GLU B 81 37.40 1.14 -18.20
C GLU B 81 36.65 1.39 -19.50
N LYS B 82 35.33 1.23 -19.49
CA LYS B 82 34.50 1.54 -20.65
C LYS B 82 33.71 2.84 -20.47
N ASP B 83 33.85 3.50 -19.32
CA ASP B 83 33.12 4.72 -19.03
C ASP B 83 34.04 5.92 -19.30
N GLU B 84 33.61 6.79 -20.21
CA GLU B 84 34.44 7.87 -20.71
C GLU B 84 34.24 9.18 -19.96
N ASP B 85 33.57 9.14 -18.79
CA ASP B 85 33.33 10.35 -18.03
C ASP B 85 34.58 10.82 -17.29
N THR B 86 35.47 9.88 -16.96
CA THR B 86 36.82 10.18 -16.49
C THR B 86 37.62 10.92 -17.57
N LYS B 87 37.50 10.47 -18.82
CA LYS B 87 38.23 11.05 -19.95
C LYS B 87 37.70 12.44 -20.31
N LYS B 88 36.39 12.64 -20.18
CA LYS B 88 35.79 13.98 -20.36
C LYS B 88 36.17 14.92 -19.23
N LEU B 89 36.16 14.42 -17.98
CA LEU B 89 36.49 15.25 -16.82
C LEU B 89 37.96 15.60 -16.73
N ILE B 90 38.84 14.79 -17.33
CA ILE B 90 40.26 15.14 -17.35
C ILE B 90 40.62 15.82 -18.68
N SER B 91 39.75 15.77 -19.69
CA SER B 91 40.01 16.45 -20.95
C SER B 91 39.54 17.90 -20.94
N VAL B 92 38.48 18.21 -20.18
CA VAL B 92 38.03 19.61 -20.06
C VAL B 92 39.01 20.42 -19.21
N VAL B 93 39.51 19.84 -18.11
CA VAL B 93 40.46 20.53 -17.24
C VAL B 93 41.84 20.53 -17.90
N LYS B 94 42.65 21.52 -17.55
CA LYS B 94 44.03 21.59 -18.01
C LYS B 94 45.01 21.51 -16.85
N GLY B 95 44.92 22.44 -15.90
CA GLY B 95 45.84 22.51 -14.79
C GLY B 95 45.25 22.25 -13.43
N ALA B 96 43.98 21.85 -13.36
CA ALA B 96 43.40 21.45 -12.09
C ALA B 96 43.91 20.08 -11.66
N ARG B 97 44.15 19.19 -12.61
CA ARG B 97 44.82 17.92 -12.36
C ARG B 97 46.33 18.13 -12.50
N THR B 98 47.01 18.35 -11.38
CA THR B 98 48.45 18.56 -11.40
C THR B 98 49.21 17.25 -11.59
N SER B 99 48.69 16.16 -11.03
CA SER B 99 49.32 14.85 -11.14
C SER B 99 48.30 13.85 -11.67
N ALA B 100 48.76 12.99 -12.59
CA ALA B 100 47.88 12.05 -13.28
C ALA B 100 47.60 10.78 -12.48
N ASN B 101 48.27 10.58 -11.35
CA ASN B 101 47.98 9.46 -10.46
C ASN B 101 47.06 9.84 -9.30
N ALA B 102 46.49 11.04 -9.33
CA ALA B 102 45.60 11.49 -8.27
C ALA B 102 44.22 10.84 -8.41
N ASP B 103 43.62 10.51 -7.26
CA ASP B 103 42.37 9.78 -7.24
C ASP B 103 41.29 10.53 -6.47
N VAL B 104 41.32 11.87 -6.51
CA VAL B 104 40.25 12.71 -5.96
C VAL B 104 40.17 13.97 -6.81
N PHE B 105 38.95 14.46 -7.04
CA PHE B 105 38.74 15.72 -7.74
C PHE B 105 37.69 16.54 -7.01
N TYR B 106 38.00 17.82 -6.81
CA TYR B 106 37.21 18.74 -6.00
C TYR B 106 36.56 19.81 -6.87
N ILE B 107 35.22 19.93 -6.76
CA ILE B 107 34.46 21.03 -7.34
C ILE B 107 33.91 21.86 -6.18
N ALA B 108 34.40 23.08 -6.02
CA ALA B 108 34.15 23.89 -4.85
C ALA B 108 33.30 25.11 -5.21
N LEU B 109 32.43 25.49 -4.26
CA LEU B 109 31.50 26.59 -4.40
C LEU B 109 31.74 27.54 -3.24
N GLU B 110 32.06 28.80 -3.53
CA GLU B 110 32.26 29.79 -2.49
C GLU B 110 31.43 31.04 -2.76
N SER B 111 31.20 31.79 -1.68
CA SER B 111 30.53 33.09 -1.73
C SER B 111 30.98 33.90 -0.53
N LYS B 112 31.06 35.23 -0.69
CA LYS B 112 31.50 36.11 0.37
C LYS B 112 30.88 37.49 0.18
N TYR B 113 31.14 38.38 1.15
CA TYR B 113 30.56 39.73 1.39
C TYR B 113 29.05 39.77 1.25
N ASP B 114 28.35 39.14 2.20
CA ASP B 114 26.92 38.90 2.12
C ASP B 114 26.07 40.16 2.29
N ASP B 115 26.61 41.21 2.91
CA ASP B 115 25.87 42.45 3.16
C ASP B 115 26.24 43.56 2.18
N LYS B 116 26.80 43.23 1.03
CA LYS B 116 27.15 44.21 0.00
C LYS B 116 26.19 44.06 -1.17
N GLU B 117 25.20 44.97 -1.23
CA GLU B 117 24.21 45.16 -2.30
C GLU B 117 23.34 43.93 -2.58
N LEU B 118 23.13 43.11 -1.54
CA LEU B 118 22.19 41.97 -1.48
C LEU B 118 22.48 40.89 -2.54
N TYR B 119 23.75 40.70 -2.87
CA TYR B 119 24.16 39.74 -3.90
C TYR B 119 25.19 38.77 -3.34
N GLY B 120 25.12 37.52 -3.80
CA GLY B 120 25.98 36.50 -3.24
C GLY B 120 27.39 36.52 -3.77
N ASN B 121 27.54 36.77 -5.08
CA ASN B 121 28.76 36.65 -5.91
C ASN B 121 29.34 35.25 -5.76
N ILE B 122 28.60 34.30 -6.34
CA ILE B 122 28.99 32.89 -6.37
C ILE B 122 30.24 32.70 -7.22
N ILE B 123 31.24 32.03 -6.65
CA ILE B 123 32.53 31.74 -7.30
C ILE B 123 32.74 30.23 -7.30
N LEU B 124 33.03 29.66 -8.46
CA LEU B 124 33.24 28.23 -8.65
C LEU B 124 34.72 27.94 -8.86
N LYS B 125 35.25 26.93 -8.17
CA LYS B 125 36.66 26.57 -8.30
C LYS B 125 36.85 25.08 -8.51
N TRP B 126 37.81 24.73 -9.36
CA TRP B 126 38.24 23.36 -9.64
C TRP B 126 39.57 23.04 -9.00
N GLY B 127 39.80 21.77 -8.72
CA GLY B 127 41.14 21.35 -8.40
C GLY B 127 41.24 19.93 -7.90
N SER B 128 42.35 19.26 -8.16
CA SER B 128 42.53 17.92 -7.63
C SER B 128 43.18 17.91 -6.25
N GLU B 129 43.61 19.07 -5.77
CA GLU B 129 44.10 19.24 -4.41
C GLU B 129 43.19 20.23 -3.70
N LEU B 130 43.04 20.05 -2.39
CA LEU B 130 42.18 20.95 -1.60
C LEU B 130 42.80 22.33 -1.43
N ASP B 131 44.09 22.38 -1.11
CA ASP B 131 44.81 23.64 -1.17
C ASP B 131 45.24 23.92 -2.61
N ASN B 132 45.44 25.21 -2.90
CA ASN B 132 45.58 25.87 -4.22
C ASN B 132 44.64 25.32 -5.30
N LEU B 133 43.34 25.46 -5.05
CA LEU B 133 42.34 25.30 -6.08
C LEU B 133 42.45 26.44 -7.09
N ILE B 134 42.28 26.12 -8.37
CA ILE B 134 42.29 27.15 -9.40
C ILE B 134 40.85 27.54 -9.70
N ASP B 135 40.68 28.70 -10.32
CA ASP B 135 39.36 29.23 -10.64
C ASP B 135 38.86 28.52 -11.89
N ILE B 136 37.56 28.26 -11.96
CA ILE B 136 36.97 27.64 -13.15
C ILE B 136 36.87 28.71 -14.22
N PRO B 137 37.50 28.53 -15.39
CA PRO B 137 37.51 29.61 -16.39
C PRO B 137 36.28 29.62 -17.28
N GLY B 138 35.81 30.82 -17.61
CA GLY B 138 34.73 30.99 -18.56
C GLY B 138 34.88 32.31 -19.28
N ARG B 139 34.32 32.37 -20.49
CA ARG B 139 34.43 33.59 -21.28
C ARG B 139 33.38 34.61 -20.87
N GLY B 140 32.12 34.30 -21.12
CA GLY B 140 31.05 35.25 -20.87
C GLY B 140 30.09 34.82 -19.80
N ASN B 141 28.95 34.26 -20.22
CA ASN B 141 27.94 33.75 -19.32
C ASN B 141 28.10 32.26 -19.01
N ILE B 142 29.07 31.59 -19.62
CA ILE B 142 29.18 30.14 -19.60
C ILE B 142 30.53 29.75 -19.00
N ASN B 143 30.50 28.94 -17.94
CA ASN B 143 31.70 28.41 -17.29
C ASN B 143 32.20 27.16 -18.02
N ALA B 144 33.32 26.63 -17.54
CA ALA B 144 33.79 25.33 -17.99
C ALA B 144 33.16 24.17 -17.23
N LEU B 145 32.47 24.44 -16.12
CA LEU B 145 31.65 23.41 -15.49
C LEU B 145 30.37 23.16 -16.29
N ASP B 146 29.91 24.17 -17.01
CA ASP B 146 28.64 24.13 -17.73
C ASP B 146 28.70 23.24 -18.97
N ASN B 147 29.90 23.02 -19.50
CA ASN B 147 30.10 22.17 -20.66
C ASN B 147 30.27 20.70 -20.29
N VAL B 148 30.29 20.36 -19.00
CA VAL B 148 30.50 19.00 -18.55
C VAL B 148 29.20 18.40 -18.02
N PHE B 149 28.52 19.09 -17.11
CA PHE B 149 27.35 18.56 -16.43
C PHE B 149 26.07 19.23 -16.90
N LYS B 150 24.98 18.46 -16.93
CA LYS B 150 23.65 18.93 -17.27
C LYS B 150 22.66 18.40 -16.24
N VAL B 151 21.82 19.29 -15.71
CA VAL B 151 20.89 18.97 -14.62
C VAL B 151 19.47 19.07 -15.14
N ILE B 152 18.69 18.00 -14.98
CA ILE B 152 17.26 17.96 -15.33
C ILE B 152 16.46 17.74 -14.06
N TYR B 153 15.54 18.68 -13.78
CA TYR B 153 14.75 18.71 -12.56
C TYR B 153 13.30 18.37 -12.89
N ILE B 154 12.67 17.56 -12.04
CA ILE B 154 11.30 17.09 -12.23
C ILE B 154 10.52 17.42 -10.97
N ASN B 155 9.43 18.19 -11.11
CA ASN B 155 8.49 18.46 -10.03
C ASN B 155 7.11 18.71 -10.64
N PRO B 156 6.09 17.91 -10.28
CA PRO B 156 4.72 18.20 -10.78
C PRO B 156 4.08 19.40 -10.10
N LYS B 281 28.30 15.03 -22.30
CA LYS B 281 27.64 15.59 -21.13
C LYS B 281 27.38 14.53 -20.07
N ILE B 282 27.28 14.96 -18.82
CA ILE B 282 27.00 14.09 -17.69
C ILE B 282 25.69 14.52 -17.08
N VAL B 283 24.73 13.60 -17.03
CA VAL B 283 23.32 13.91 -16.76
C VAL B 283 23.00 13.63 -15.29
N ILE B 284 22.46 14.63 -14.60
CA ILE B 284 22.07 14.52 -13.20
C ILE B 284 20.58 14.82 -13.11
N TYR B 285 19.81 13.88 -12.56
CA TYR B 285 18.36 13.97 -12.48
C TYR B 285 17.96 14.30 -11.04
N LEU B 286 17.15 15.34 -10.86
CA LEU B 286 16.68 15.72 -9.53
C LEU B 286 15.17 15.63 -9.51
N ILE B 287 14.64 14.61 -8.84
CA ILE B 287 13.21 14.28 -8.90
C ILE B 287 12.61 14.59 -7.54
N GLU B 288 11.60 15.45 -7.51
CA GLU B 288 10.98 15.88 -6.27
C GLU B 288 9.49 15.58 -6.31
N GLU B 289 9.05 14.64 -5.46
CA GLU B 289 7.70 14.12 -5.23
C GLU B 289 6.97 13.68 -6.50
N PRO B 290 7.34 12.57 -7.15
CA PRO B 290 6.67 12.20 -8.39
C PRO B 290 5.38 11.41 -8.20
N GLU B 291 4.96 11.15 -6.95
CA GLU B 291 3.73 10.43 -6.67
C GLU B 291 2.49 11.31 -6.73
N ILE B 292 2.65 12.62 -6.88
CA ILE B 292 1.51 13.52 -7.04
C ILE B 292 1.00 13.38 -8.47
N SER B 293 -0.30 13.06 -8.60
CA SER B 293 -1.03 12.75 -9.85
C SER B 293 -0.36 11.63 -10.64
N LEU B 294 0.01 10.57 -9.93
CA LEU B 294 0.54 9.37 -10.55
C LEU B 294 -0.15 8.16 -9.94
N HIS B 295 -0.57 7.24 -10.80
CA HIS B 295 -1.30 6.05 -10.37
C HIS B 295 -0.31 5.05 -9.77
N ARG B 296 -0.85 4.13 -8.96
CA ARG B 296 -0.08 3.30 -8.04
C ARG B 296 0.75 2.24 -8.78
N SER B 297 0.17 1.65 -9.83
CA SER B 297 0.90 0.72 -10.68
C SER B 297 1.94 1.43 -11.53
N MET B 298 1.70 2.68 -11.91
CA MET B 298 2.76 3.45 -12.57
C MET B 298 3.83 3.93 -11.59
N GLN B 299 3.54 4.01 -10.29
CA GLN B 299 4.58 4.22 -9.30
C GLN B 299 5.48 2.99 -9.18
N ILE B 300 4.88 1.79 -9.25
CA ILE B 300 5.65 0.54 -9.23
C ILE B 300 6.48 0.38 -10.50
N ALA B 301 5.90 0.77 -11.65
CA ALA B 301 6.61 0.78 -12.93
C ALA B 301 7.70 1.85 -12.99
N LEU B 302 7.51 2.98 -12.32
CA LEU B 302 8.55 4.00 -12.21
C LEU B 302 9.71 3.54 -11.33
N SER B 303 9.42 2.76 -10.29
CA SER B 303 10.48 2.16 -9.46
C SER B 303 11.28 1.11 -10.25
N LYS B 304 10.59 0.34 -11.10
CA LYS B 304 11.26 -0.62 -11.98
C LYS B 304 12.11 0.07 -13.05
N GLN B 305 11.63 1.19 -13.59
CA GLN B 305 12.44 1.96 -14.54
C GLN B 305 13.57 2.73 -13.86
N LEU B 306 13.44 3.06 -12.58
CA LEU B 306 14.51 3.75 -11.87
C LEU B 306 15.65 2.80 -11.53
N PHE B 307 15.35 1.58 -11.07
CA PHE B 307 16.41 0.78 -10.47
C PHE B 307 16.87 -0.42 -11.27
N GLU B 308 16.05 -0.97 -12.18
CA GLU B 308 16.50 -2.13 -12.93
C GLU B 308 17.33 -1.73 -14.16
N GLN B 309 16.77 -0.89 -15.04
CA GLN B 309 17.47 -0.54 -16.26
C GLN B 309 18.52 0.55 -15.98
N SER B 310 19.41 0.74 -16.95
CA SER B 310 20.54 1.64 -16.83
C SER B 310 20.30 2.98 -17.52
N THR B 311 19.06 3.46 -17.51
CA THR B 311 18.75 4.75 -18.13
C THR B 311 19.20 5.91 -17.23
N TYR B 312 18.71 5.94 -16.00
CA TYR B 312 19.09 6.95 -15.02
C TYR B 312 20.26 6.41 -14.22
N LYS B 313 21.44 6.98 -14.41
CA LYS B 313 22.63 6.51 -13.71
C LYS B 313 22.96 7.37 -12.49
N TYR B 314 22.90 8.70 -12.64
CA TYR B 314 23.06 9.65 -11.55
C TYR B 314 21.71 10.27 -11.26
N PHE B 315 21.10 9.95 -10.12
CA PHE B 315 19.91 10.68 -9.72
C PHE B 315 19.86 10.89 -8.22
N PHE B 316 18.99 11.84 -7.84
CA PHE B 316 18.62 12.14 -6.46
C PHE B 316 17.10 12.17 -6.40
N LEU B 317 16.51 11.26 -5.64
CA LEU B 317 15.05 11.07 -5.64
C LEU B 317 14.49 11.42 -4.27
N SER B 318 13.57 12.38 -4.22
CA SER B 318 12.84 12.71 -3.01
C SER B 318 11.39 12.26 -3.13
N THR B 319 10.90 11.51 -2.14
CA THR B 319 9.55 10.97 -2.20
C THR B 319 8.96 10.77 -0.82
N HIS B 320 7.63 10.61 -0.82
CA HIS B 320 6.85 10.24 0.36
C HIS B 320 6.05 8.96 0.13
N SER B 321 6.34 8.21 -0.93
CA SER B 321 5.53 7.09 -1.35
C SER B 321 6.22 5.77 -1.08
N PRO B 322 5.55 4.79 -0.44
CA PRO B 322 6.19 3.49 -0.21
C PRO B 322 6.34 2.63 -1.44
N GLU B 323 5.61 2.90 -2.52
CA GLU B 323 5.57 2.03 -3.69
C GLU B 323 6.60 2.40 -4.75
N LEU B 324 7.40 3.43 -4.52
CA LEU B 324 8.58 3.70 -5.34
C LEU B 324 9.83 3.00 -4.83
N LEU B 325 9.71 2.24 -3.74
CA LEU B 325 10.86 1.58 -3.12
C LEU B 325 10.69 0.07 -3.11
N TYR B 326 9.87 -0.49 -4.01
CA TYR B 326 9.70 -1.94 -4.04
C TYR B 326 10.89 -2.63 -4.70
N GLU B 327 11.12 -2.35 -5.97
CA GLU B 327 12.29 -2.88 -6.66
C GLU B 327 13.38 -1.83 -6.53
N MET B 328 14.25 -2.00 -5.55
CA MET B 328 15.45 -1.17 -5.43
C MET B 328 16.62 -2.03 -5.00
N ASP B 329 17.80 -1.69 -5.53
CA ASP B 329 19.06 -2.37 -5.25
C ASP B 329 20.18 -1.42 -5.62
N ASN B 330 21.35 -1.63 -4.97
CA ASN B 330 22.65 -0.97 -5.22
C ASN B 330 22.55 0.55 -5.05
N THR B 331 21.81 0.99 -4.03
CA THR B 331 21.42 2.39 -3.94
C THR B 331 21.78 2.98 -2.59
N ARG B 332 22.02 4.28 -2.57
CA ARG B 332 22.34 4.99 -1.35
C ARG B 332 21.06 5.57 -0.78
N LEU B 333 20.70 5.15 0.44
CA LEU B 333 19.55 5.68 1.14
C LEU B 333 20.01 6.76 2.11
N ILE B 334 19.44 7.95 1.96
CA ILE B 334 19.69 9.09 2.85
C ILE B 334 18.42 9.33 3.63
N ARG B 335 18.48 9.13 4.95
CA ARG B 335 17.36 9.45 5.82
C ARG B 335 17.64 10.77 6.49
N VAL B 336 16.71 11.72 6.34
CA VAL B 336 16.81 13.03 6.94
C VAL B 336 16.11 12.99 8.30
N HIS B 337 16.84 13.39 9.34
CA HIS B 337 16.32 13.35 10.69
C HIS B 337 15.34 14.50 10.93
N SER B 338 14.48 14.31 11.93
CA SER B 338 13.45 15.29 12.23
C SER B 338 13.93 16.43 13.12
N THR B 339 15.17 16.36 13.61
CA THR B 339 15.73 17.39 14.48
C THR B 339 16.11 18.63 13.67
N GLU B 340 16.39 19.71 14.39
CA GLU B 340 16.72 20.99 13.79
C GLU B 340 18.20 21.12 13.42
N LYS B 341 19.02 20.13 13.74
CA LYS B 341 20.40 20.12 13.29
C LYS B 341 20.55 19.56 11.87
N VAL B 342 19.47 18.95 11.34
CA VAL B 342 19.22 18.41 9.99
C VAL B 342 20.36 17.47 9.50
N VAL B 343 20.87 16.67 10.43
CA VAL B 343 21.86 15.65 10.10
C VAL B 343 21.18 14.48 9.42
N CYS B 344 21.95 13.73 8.65
CA CYS B 344 21.42 12.66 7.81
C CYS B 344 22.14 11.37 8.11
N SER B 345 21.49 10.26 7.79
CA SER B 345 22.10 8.94 7.86
C SER B 345 22.07 8.33 6.45
N SER B 346 23.25 8.20 5.85
CA SER B 346 23.36 7.67 4.47
C SER B 346 23.79 6.19 4.46
N HIS B 347 23.01 5.32 3.82
CA HIS B 347 23.34 3.87 3.84
C HIS B 347 23.52 3.23 2.47
N MET B 348 24.64 2.54 2.29
CA MET B 348 24.88 1.81 1.00
C MET B 348 24.07 0.52 1.08
N TYR B 349 22.99 0.42 0.31
CA TYR B 349 22.13 -0.75 0.40
C TYR B 349 22.31 -1.61 -0.85
N ASN B 350 22.73 -2.85 -0.63
CA ASN B 350 22.78 -3.89 -1.65
C ASN B 350 22.03 -5.09 -1.12
N VAL B 351 21.41 -5.84 -2.01
CA VAL B 351 20.69 -7.05 -1.60
C VAL B 351 21.53 -8.29 -1.92
N VAL B 358 14.66 -13.32 -1.29
CA VAL B 358 13.65 -12.64 -2.09
C VAL B 358 13.56 -11.18 -1.66
N LYS B 359 14.02 -10.26 -2.52
CA LYS B 359 14.01 -8.85 -2.13
C LYS B 359 12.64 -8.21 -2.27
N LYS B 360 11.71 -8.83 -3.02
CA LYS B 360 10.34 -8.34 -3.08
C LYS B 360 9.61 -8.59 -1.77
N LYS B 361 9.80 -9.77 -1.18
CA LYS B 361 9.18 -10.11 0.10
C LYS B 361 9.82 -9.34 1.26
N LEU B 362 11.09 -8.97 1.12
CA LEU B 362 11.72 -8.09 2.08
C LEU B 362 11.22 -6.65 1.95
N ASN B 363 11.26 -6.10 0.72
CA ASN B 363 10.98 -4.69 0.52
C ASN B 363 9.50 -4.34 0.57
N LYS B 364 8.60 -5.31 0.37
CA LYS B 364 7.16 -5.06 0.49
C LYS B 364 6.77 -4.81 1.95
N ALA B 365 7.38 -5.53 2.88
CA ALA B 365 7.20 -5.22 4.29
C ALA B 365 8.02 -4.00 4.71
N LEU B 366 9.24 -3.89 4.20
CA LEU B 366 10.18 -2.89 4.71
C LEU B 366 9.96 -1.49 4.13
N SER B 367 9.19 -1.38 3.04
CA SER B 367 9.07 -0.12 2.32
C SER B 367 8.19 0.90 3.02
N SER B 368 7.17 0.45 3.74
CA SER B 368 6.41 1.34 4.60
C SER B 368 7.09 1.54 5.95
N ALA B 369 8.08 0.71 6.29
CA ALA B 369 8.79 0.80 7.55
C ALA B 369 9.97 1.76 7.50
N LEU B 370 10.53 2.01 6.31
CA LEU B 370 11.63 2.97 6.20
C LEU B 370 11.16 4.41 6.39
N PHE B 371 9.91 4.70 6.04
CA PHE B 371 9.36 6.06 6.22
C PHE B 371 9.05 6.27 7.71
N ALA B 372 9.49 5.33 8.57
CA ALA B 372 9.20 5.43 10.02
C ALA B 372 10.50 5.49 10.82
N GLU B 373 10.57 6.39 11.80
CA GLU B 373 11.81 6.57 12.61
C GLU B 373 11.99 5.37 13.57
N ARG B 374 10.92 4.93 14.23
CA ARG B 374 11.01 3.79 15.19
C ARG B 374 10.05 2.68 14.75
N VAL B 375 10.53 1.44 14.64
CA VAL B 375 9.66 0.33 14.12
C VAL B 375 9.48 -0.77 15.17
N LEU B 376 8.24 -1.23 15.39
CA LEU B 376 7.99 -2.38 16.30
C LEU B 376 7.81 -3.61 15.41
N LEU B 377 8.58 -4.68 15.66
CA LEU B 377 8.54 -5.88 14.85
C LEU B 377 7.74 -6.94 15.59
N ILE B 378 6.62 -7.35 15.02
CA ILE B 378 5.73 -8.32 15.63
C ILE B 378 5.60 -9.52 14.70
N GLU B 379 5.30 -10.68 15.28
CA GLU B 379 5.30 -11.91 14.49
C GLU B 379 3.97 -12.24 13.87
N GLY B 380 2.86 -11.81 14.46
CA GLY B 380 1.57 -12.26 14.00
C GLY B 380 0.53 -11.17 13.83
N PRO B 381 -0.54 -11.47 13.09
CA PRO B 381 -1.64 -10.50 12.95
C PRO B 381 -2.59 -10.44 14.14
N SER B 382 -2.43 -11.29 15.16
CA SER B 382 -3.21 -11.11 16.39
C SER B 382 -2.77 -9.89 17.17
N GLU B 383 -1.46 -9.63 17.21
CA GLU B 383 -0.92 -8.45 17.87
C GLU B 383 -0.71 -7.28 16.92
N LYS B 384 -1.33 -7.29 15.73
CA LYS B 384 -1.65 -6.03 15.09
C LYS B 384 -3.04 -5.56 15.51
N ILE B 385 -4.02 -6.49 15.53
CA ILE B 385 -5.39 -6.22 15.94
C ILE B 385 -5.47 -5.85 17.43
N LEU B 386 -4.61 -6.45 18.26
CA LEU B 386 -4.55 -6.05 19.66
C LEU B 386 -3.88 -4.69 19.84
N PHE B 387 -2.76 -4.45 19.15
CA PHE B 387 -1.96 -3.26 19.41
C PHE B 387 -2.48 -1.99 18.73
N GLU B 388 -3.19 -2.12 17.60
CA GLU B 388 -3.76 -0.95 16.94
C GLU B 388 -4.98 -0.39 17.65
N LYS B 389 -5.65 -1.18 18.49
CA LYS B 389 -6.71 -0.63 19.33
C LYS B 389 -6.13 0.19 20.47
N VAL B 390 -5.04 -0.32 21.07
CA VAL B 390 -4.38 0.30 22.22
C VAL B 390 -3.65 1.56 21.81
N LEU B 391 -3.00 1.55 20.65
CA LEU B 391 -2.32 2.73 20.13
C LEU B 391 -3.24 3.66 19.34
N ASP B 392 -4.56 3.43 19.34
CA ASP B 392 -5.53 4.45 18.99
C ASP B 392 -6.33 4.96 20.18
N GLU B 393 -6.40 4.19 21.26
CA GLU B 393 -6.99 4.76 22.48
C GLU B 393 -6.02 5.61 23.29
N VAL B 394 -4.74 5.23 23.36
CA VAL B 394 -3.79 5.99 24.17
C VAL B 394 -3.16 7.13 23.38
N GLU B 395 -2.41 6.80 22.34
CA GLU B 395 -1.69 7.80 21.54
C GLU B 395 -2.03 7.61 20.07
N PRO B 396 -3.17 8.16 19.62
CA PRO B 396 -3.66 7.87 18.26
C PRO B 396 -2.94 8.60 17.14
N GLU B 397 -2.03 9.51 17.45
CA GLU B 397 -1.18 10.16 16.45
C GLU B 397 0.24 9.62 16.51
N TYR B 398 0.38 8.31 16.76
CA TYR B 398 1.71 7.72 16.88
C TYR B 398 2.37 7.50 15.53
N GLU B 399 1.58 7.40 14.46
CA GLU B 399 2.13 7.30 13.12
C GLU B 399 2.63 8.63 12.57
N LEU B 400 2.21 9.75 13.14
CA LEU B 400 2.64 11.06 12.72
C LEU B 400 3.93 11.51 13.41
N ASN B 401 4.44 10.75 14.37
CA ASN B 401 5.69 11.10 15.03
C ASN B 401 6.79 10.09 14.78
N GLY B 402 6.59 9.14 13.87
CA GLY B 402 7.62 8.19 13.53
C GLY B 402 7.49 6.84 14.19
N GLY B 403 6.27 6.32 14.23
CA GLY B 403 6.03 4.98 14.75
C GLY B 403 5.45 4.08 13.67
N PHE B 404 5.79 2.80 13.76
CA PHE B 404 5.35 1.83 12.78
C PHE B 404 5.25 0.45 13.41
N LEU B 405 4.27 -0.33 12.96
CA LEU B 405 4.09 -1.72 13.35
C LEU B 405 4.39 -2.61 12.16
N LEU B 406 5.35 -3.51 12.31
CA LEU B 406 5.83 -4.34 11.20
C LEU B 406 5.50 -5.80 11.44
N GLU B 407 4.62 -6.34 10.59
CA GLU B 407 4.39 -7.77 10.51
C GLU B 407 5.62 -8.49 9.96
N VAL B 408 5.92 -9.65 10.54
CA VAL B 408 6.91 -10.54 9.98
C VAL B 408 6.26 -11.77 9.36
N GLY B 409 5.32 -12.39 10.07
CA GLY B 409 4.71 -13.61 9.61
C GLY B 409 5.40 -14.85 10.13
N GLY B 410 6.02 -14.77 11.29
CA GLY B 410 6.83 -15.84 11.82
C GLY B 410 7.91 -15.25 12.70
N THR B 411 8.77 -16.13 13.17
CA THR B 411 9.86 -15.72 14.07
C THR B 411 11.19 -15.62 13.32
N TYR B 412 11.26 -14.72 12.33
CA TYR B 412 12.48 -14.51 11.54
C TYR B 412 12.73 -13.00 11.42
N PHE B 413 13.48 -12.47 12.39
CA PHE B 413 13.74 -11.05 12.51
C PHE B 413 15.09 -10.62 11.97
N ASN B 414 15.99 -11.59 11.70
CA ASN B 414 17.32 -11.29 11.20
C ASN B 414 17.32 -10.82 9.74
N HIS B 415 16.27 -11.12 8.98
CA HIS B 415 16.11 -10.54 7.65
C HIS B 415 15.75 -9.07 7.70
N TYR B 416 15.13 -8.60 8.79
CA TYR B 416 14.65 -7.23 8.88
C TYR B 416 15.54 -6.31 9.71
N VAL B 417 16.35 -6.84 10.63
CA VAL B 417 17.20 -5.95 11.43
C VAL B 417 18.48 -5.53 10.74
N CYS B 418 18.81 -6.10 9.57
CA CYS B 418 20.04 -5.75 8.88
C CYS B 418 19.93 -4.39 8.19
N THR B 419 18.72 -3.96 7.86
CA THR B 419 18.50 -2.72 7.13
C THR B 419 18.20 -1.54 8.07
N LEU B 420 17.46 -1.79 9.15
CA LEU B 420 16.94 -0.74 10.00
C LEU B 420 18.02 -0.12 10.90
N ASN B 421 19.03 -0.92 11.28
CA ASN B 421 20.07 -0.42 12.18
C ASN B 421 21.05 0.51 11.47
N ASP B 422 21.23 0.33 10.16
CA ASP B 422 22.16 1.15 9.42
C ASP B 422 21.55 2.45 8.92
N LEU B 423 20.23 2.59 9.00
CA LEU B 423 19.54 3.82 8.64
C LEU B 423 19.13 4.65 9.86
N GLY B 424 19.49 4.22 11.06
CA GLY B 424 19.11 4.95 12.26
C GLY B 424 17.74 4.67 12.79
N ILE B 425 17.09 3.58 12.34
CA ILE B 425 15.76 3.23 12.80
C ILE B 425 15.90 2.24 13.96
N THR B 426 15.24 2.54 15.08
CA THR B 426 15.24 1.62 16.21
C THR B 426 14.35 0.41 15.90
N HIS B 427 14.91 -0.79 16.08
CA HIS B 427 14.27 -2.03 15.67
C HIS B 427 13.81 -2.78 16.93
N ILE B 428 12.58 -2.49 17.33
CA ILE B 428 12.04 -3.02 18.58
C ILE B 428 11.35 -4.35 18.26
N ILE B 429 11.63 -5.38 19.05
CA ILE B 429 11.25 -6.75 18.74
C ILE B 429 10.57 -7.37 19.96
N LYS B 430 9.38 -7.94 19.77
CA LYS B 430 8.69 -8.71 20.79
C LYS B 430 8.61 -10.18 20.38
N THR B 431 9.18 -11.06 21.20
CA THR B 431 9.18 -12.50 20.97
C THR B 431 8.49 -13.25 22.11
N ASP B 432 8.30 -14.55 21.90
CA ASP B 432 7.77 -15.47 22.89
C ASP B 432 8.76 -16.60 23.12
N ASN B 433 8.81 -17.15 24.33
CA ASN B 433 9.61 -18.33 24.60
C ASN B 433 8.97 -19.57 23.98
N ASP B 434 9.80 -20.40 23.36
CA ASP B 434 9.32 -21.59 22.70
C ASP B 434 10.17 -22.79 23.08
N LEU B 435 9.56 -23.97 23.00
CA LEU B 435 10.22 -25.23 23.25
C LEU B 435 10.00 -26.13 22.04
N LYS B 436 10.96 -27.02 21.78
CA LYS B 436 10.76 -27.99 20.71
C LYS B 436 11.37 -29.32 21.13
N SER B 437 10.70 -30.42 20.85
CA SER B 437 11.32 -31.73 21.08
C SER B 437 12.40 -31.98 20.03
N LYS B 438 13.45 -32.68 20.44
CA LYS B 438 14.52 -32.97 19.50
C LYS B 438 14.16 -34.19 18.65
N LYS B 439 14.82 -34.28 17.49
CA LYS B 439 14.50 -35.29 16.49
C LYS B 439 14.95 -36.68 16.90
N GLY B 440 16.17 -36.82 17.41
CA GLY B 440 16.68 -38.13 17.75
C GLY B 440 16.32 -38.62 19.13
N LYS B 441 16.71 -37.87 20.15
CA LYS B 441 16.47 -38.30 21.52
C LYS B 441 15.06 -37.94 21.94
N LYS B 442 14.52 -38.73 22.86
CA LYS B 442 13.15 -38.56 23.35
C LYS B 442 13.19 -38.01 24.77
N GLY B 443 12.45 -36.93 25.00
CA GLY B 443 12.33 -36.34 26.32
C GLY B 443 13.11 -35.06 26.52
N VAL B 444 14.10 -34.77 25.69
CA VAL B 444 14.90 -33.56 25.84
C VAL B 444 14.39 -32.50 24.86
N TYR B 445 14.59 -31.23 25.22
CA TYR B 445 13.91 -30.12 24.57
C TYR B 445 14.90 -29.05 24.14
N GLU B 446 14.93 -28.79 22.84
CA GLU B 446 15.65 -27.67 22.25
C GLU B 446 14.98 -26.36 22.65
N LEU B 447 15.82 -25.38 23.01
CA LEU B 447 15.43 -24.17 23.72
C LEU B 447 15.36 -23.00 22.74
N LEU B 448 14.27 -22.97 21.97
CA LEU B 448 14.19 -22.03 20.85
C LEU B 448 13.73 -20.63 21.22
N GLY B 449 13.34 -20.40 22.48
CA GLY B 449 12.96 -19.05 22.87
C GLY B 449 14.15 -18.13 23.05
N LEU B 450 15.19 -18.60 23.74
CA LEU B 450 16.39 -17.80 23.97
C LEU B 450 17.38 -17.89 22.82
N ASN B 451 17.37 -18.99 22.07
CA ASN B 451 18.32 -19.18 20.98
C ASN B 451 17.99 -18.34 19.77
N ARG B 452 16.74 -17.92 19.58
CA ARG B 452 16.45 -16.97 18.53
C ARG B 452 16.82 -15.54 18.93
N CYS B 453 16.95 -15.26 20.23
CA CYS B 453 17.38 -13.96 20.70
C CYS B 453 18.90 -13.84 20.77
N LEU B 454 19.61 -14.95 20.96
CA LEU B 454 21.07 -14.91 20.88
C LEU B 454 21.60 -14.91 19.46
N ASN B 455 20.82 -15.34 18.47
CA ASN B 455 21.29 -15.35 17.09
C ASN B 455 21.32 -13.95 16.50
N LEU B 456 20.50 -13.02 17.02
CA LEU B 456 20.67 -11.62 16.68
C LEU B 456 21.89 -11.02 17.35
N LEU B 457 22.23 -11.49 18.55
CA LEU B 457 23.39 -10.99 19.28
C LEU B 457 24.65 -11.78 18.96
N GLY B 458 24.53 -12.86 18.18
CA GLY B 458 25.69 -13.60 17.71
C GLY B 458 26.36 -14.48 18.73
N ARG B 459 25.69 -14.77 19.84
CA ARG B 459 26.32 -15.52 20.92
C ARG B 459 26.16 -17.02 20.69
N GLU B 460 26.70 -17.82 21.60
CA GLU B 460 26.68 -19.27 21.49
C GLU B 460 25.40 -19.79 22.11
N ASN B 461 24.85 -20.87 21.54
CA ASN B 461 23.56 -21.41 21.91
C ASN B 461 23.61 -22.11 23.28
N LEU B 462 22.44 -22.27 23.88
CA LEU B 462 22.32 -22.88 25.19
C LEU B 462 22.43 -24.40 25.11
N ASP B 463 22.45 -25.02 26.29
CA ASP B 463 22.42 -26.47 26.41
C ASP B 463 20.97 -26.97 26.42
N GLU B 464 20.79 -28.23 26.80
CA GLU B 464 19.51 -28.90 26.67
C GLU B 464 18.90 -29.14 28.05
N ILE B 465 17.57 -29.12 28.10
CA ILE B 465 16.85 -29.40 29.33
C ILE B 465 16.07 -30.69 29.16
N THR B 466 15.68 -31.28 30.29
CA THR B 466 14.91 -32.53 30.32
C THR B 466 13.56 -32.27 30.96
N ILE B 467 12.49 -32.58 30.24
CA ILE B 467 11.13 -32.51 30.77
C ILE B 467 10.54 -33.91 30.65
N ASP B 468 10.09 -34.46 31.77
CA ASP B 468 9.53 -35.81 31.80
C ASP B 468 8.03 -35.74 31.58
N ILE B 469 7.58 -36.11 30.38
CA ILE B 469 6.18 -36.19 30.03
C ILE B 469 5.86 -37.63 29.63
N PRO B 470 4.98 -38.33 30.33
CA PRO B 470 4.58 -39.68 29.89
C PRO B 470 3.61 -39.63 28.70
N GLU B 471 3.33 -40.82 28.18
CA GLU B 471 2.55 -40.95 26.94
C GLU B 471 1.06 -40.70 27.16
N ASP B 472 0.54 -41.03 28.34
CA ASP B 472 -0.88 -40.89 28.63
C ASP B 472 -1.29 -39.48 29.06
N ILE B 473 -0.35 -38.55 29.18
CA ILE B 473 -0.65 -37.13 29.35
C ILE B 473 -0.44 -36.45 28.00
N LYS B 474 -1.52 -35.91 27.44
CA LYS B 474 -1.51 -35.26 26.14
C LYS B 474 -2.68 -34.31 26.05
N GLY B 475 -2.42 -33.06 25.66
CA GLY B 475 -3.48 -32.08 25.50
C GLY B 475 -3.32 -30.85 26.38
N LYS B 476 -4.35 -30.59 27.20
CA LYS B 476 -4.36 -29.42 28.08
C LYS B 476 -3.36 -29.58 29.22
N LYS B 477 -3.26 -30.79 29.77
CA LYS B 477 -2.31 -31.11 30.83
C LYS B 477 -0.87 -31.08 30.32
N LYS B 478 -0.63 -31.53 29.09
CA LYS B 478 0.68 -31.43 28.45
C LYS B 478 1.05 -29.97 28.16
N LYS B 479 0.07 -29.16 27.76
CA LYS B 479 0.28 -27.74 27.50
C LYS B 479 0.60 -26.94 28.76
N GLU B 480 -0.10 -27.21 29.88
CA GLU B 480 0.26 -26.52 31.12
C GLU B 480 1.54 -27.08 31.75
N ARG B 481 1.87 -28.35 31.47
CA ARG B 481 3.14 -28.92 31.95
C ARG B 481 4.34 -28.33 31.20
N LEU B 482 4.18 -28.00 29.91
CA LEU B 482 5.20 -27.21 29.23
C LEU B 482 5.18 -25.74 29.61
N ASN B 483 4.00 -25.18 29.94
CA ASN B 483 3.86 -23.79 30.33
C ASN B 483 4.48 -23.48 31.69
N GLU B 484 4.52 -24.46 32.61
CA GLU B 484 5.28 -24.27 33.85
C GLU B 484 6.78 -24.24 33.60
N ARG B 485 7.26 -25.09 32.69
CA ARG B 485 8.69 -25.16 32.41
C ARG B 485 9.20 -23.98 31.59
N LYS B 486 8.33 -23.30 30.85
CA LYS B 486 8.75 -22.04 30.25
C LYS B 486 8.88 -20.91 31.26
N LYS B 487 8.22 -20.98 32.43
CA LYS B 487 8.54 -20.06 33.51
C LYS B 487 9.80 -20.49 34.26
N GLU B 488 10.00 -21.80 34.41
CA GLU B 488 11.18 -22.34 35.08
C GLU B 488 12.48 -22.10 34.31
N ILE B 489 12.43 -22.03 32.98
CA ILE B 489 13.62 -21.61 32.23
C ILE B 489 13.77 -20.10 32.18
N PHE B 490 12.76 -19.33 32.59
CA PHE B 490 12.84 -17.89 32.42
C PHE B 490 13.33 -17.24 33.71
N LYS B 491 12.84 -17.72 34.86
CA LYS B 491 13.35 -17.22 36.14
C LYS B 491 14.73 -17.77 36.48
N GLN B 492 15.14 -18.88 35.87
CA GLN B 492 16.52 -19.35 36.00
C GLN B 492 17.48 -18.43 35.24
N TYR B 493 17.03 -17.87 34.12
CA TYR B 493 17.88 -17.21 33.17
C TYR B 493 17.57 -15.71 33.09
N LYS B 494 17.33 -15.09 34.26
CA LYS B 494 17.03 -13.66 34.32
C LYS B 494 18.26 -12.78 34.12
N ASN B 495 19.45 -13.33 34.33
CA ASN B 495 20.68 -12.60 34.02
C ASN B 495 20.85 -12.49 32.50
N GLU B 496 20.44 -13.53 31.77
CA GLU B 496 20.58 -13.59 30.32
C GLU B 496 19.60 -12.67 29.60
N VAL B 497 18.45 -12.39 30.21
CA VAL B 497 17.43 -11.55 29.56
C VAL B 497 17.61 -10.08 29.92
N GLY B 498 18.56 -9.76 30.81
CA GLY B 498 18.84 -8.37 31.17
C GLY B 498 19.48 -7.56 30.07
N GLU B 499 20.41 -8.12 29.34
CA GLU B 499 20.91 -7.48 28.13
C GLU B 499 20.08 -7.80 26.90
N PHE B 500 19.06 -8.66 27.02
CA PHE B 500 18.05 -8.71 25.98
C PHE B 500 17.19 -7.46 26.04
N LEU B 501 16.59 -7.19 27.21
CA LEU B 501 15.76 -5.99 27.40
C LEU B 501 16.56 -4.70 27.53
N GLY B 502 17.88 -4.78 27.75
CA GLY B 502 18.71 -3.59 27.66
C GLY B 502 18.90 -3.13 26.23
N GLU B 503 18.83 -4.04 25.27
CA GLU B 503 18.74 -3.72 23.87
C GLU B 503 17.25 -3.83 23.51
N ARG B 504 16.90 -3.78 22.24
CA ARG B 504 15.50 -3.72 21.82
C ARG B 504 14.92 -5.09 21.51
N ILE B 505 15.25 -6.11 22.28
CA ILE B 505 14.70 -7.45 22.11
C ILE B 505 13.89 -7.78 23.36
N TYR B 506 12.61 -8.10 23.19
CA TYR B 506 11.74 -8.33 24.33
C TYR B 506 11.22 -9.76 24.24
N LEU B 507 11.37 -10.50 25.34
CA LEU B 507 11.01 -11.92 25.40
C LEU B 507 9.93 -12.11 26.46
N SER B 508 8.85 -12.78 26.08
CA SER B 508 7.69 -12.95 26.93
C SER B 508 7.92 -14.08 27.93
N GLU B 509 6.94 -14.26 28.82
CA GLU B 509 6.99 -15.34 29.80
C GLU B 509 6.70 -16.67 29.12
N ILE B 510 5.48 -16.82 28.60
CA ILE B 510 5.06 -17.97 27.81
C ILE B 510 4.68 -17.54 26.40
N ASP B 511 3.68 -16.69 26.27
CA ASP B 511 3.28 -16.16 24.96
C ASP B 511 2.70 -14.76 25.18
N LEU B 512 1.96 -14.27 24.19
CA LEU B 512 1.24 -13.01 24.30
C LEU B 512 0.03 -13.13 25.23
N GLU B 513 -0.59 -14.29 25.29
CA GLU B 513 -1.90 -14.38 25.93
C GLU B 513 -1.83 -14.70 27.41
N ASN B 514 -0.64 -14.94 27.96
CA ASN B 514 -0.51 -15.01 29.42
C ASN B 514 -0.03 -13.73 30.07
N ASP B 515 0.83 -12.94 29.43
CA ASP B 515 1.07 -11.61 29.97
C ASP B 515 0.01 -10.60 29.51
N LEU B 516 -0.82 -10.95 28.54
CA LEU B 516 -2.07 -10.24 28.36
C LEU B 516 -3.08 -10.59 29.46
N TYR B 517 -3.06 -11.82 29.95
CA TYR B 517 -3.89 -12.21 31.09
C TYR B 517 -3.33 -11.71 32.42
N SER B 518 -2.06 -11.34 32.46
CA SER B 518 -1.51 -10.68 33.64
C SER B 518 -1.80 -9.18 33.69
N ALA B 519 -2.44 -8.62 32.66
CA ALA B 519 -2.85 -7.23 32.65
C ALA B 519 -4.36 -7.06 32.72
N ILE B 520 -5.09 -7.64 31.77
CA ILE B 520 -6.53 -7.42 31.63
C ILE B 520 -7.33 -8.66 31.99
N GLY B 521 -6.77 -9.54 32.85
CA GLY B 521 -7.33 -10.86 33.13
C GLY B 521 -8.61 -10.87 33.93
N GLU B 522 -8.93 -9.78 34.63
CA GLU B 522 -10.26 -9.62 35.18
C GLU B 522 -11.29 -9.30 34.10
N SER B 523 -10.85 -8.66 33.01
CA SER B 523 -11.73 -8.31 31.90
C SER B 523 -11.76 -9.37 30.81
N MET B 524 -10.84 -10.34 30.86
CA MET B 524 -10.87 -11.47 29.93
C MET B 524 -12.03 -12.41 30.23
N LYS B 525 -12.38 -12.56 31.51
CA LYS B 525 -13.45 -13.45 31.93
C LYS B 525 -14.82 -12.80 31.85
N ARG B 526 -14.87 -11.49 31.67
CA ARG B 526 -16.15 -10.78 31.56
C ARG B 526 -16.78 -11.00 30.20
N ILE B 527 -15.95 -11.09 29.15
CA ILE B 527 -16.43 -11.02 27.78
C ILE B 527 -16.78 -12.40 27.21
N PHE B 528 -15.98 -13.42 27.48
CA PHE B 528 -16.16 -14.72 26.84
C PHE B 528 -17.14 -15.61 27.58
N GLU B 529 -17.55 -15.20 28.79
CA GLU B 529 -18.33 -15.96 29.78
C GLU B 529 -17.69 -17.32 30.08
N ASN B 530 -16.38 -17.30 30.26
CA ASN B 530 -15.57 -18.49 30.43
C ASN B 530 -14.77 -18.40 31.71
N GLU B 531 -14.60 -19.54 32.38
CA GLU B 531 -13.82 -19.59 33.60
C GLU B 531 -12.33 -19.48 33.31
N ASP B 532 -11.85 -20.20 32.31
CA ASP B 532 -10.46 -20.11 31.88
C ASP B 532 -10.45 -19.59 30.45
N PRO B 533 -10.29 -18.28 30.22
CA PRO B 533 -10.39 -17.75 28.86
C PRO B 533 -9.14 -17.87 28.02
N VAL B 534 -7.98 -18.15 28.61
CA VAL B 534 -6.78 -18.31 27.80
C VAL B 534 -6.75 -19.66 27.11
N HIS B 535 -7.46 -20.67 27.59
CA HIS B 535 -7.69 -21.86 26.77
C HIS B 535 -8.70 -21.59 25.68
N TYR B 536 -9.66 -20.70 25.93
CA TYR B 536 -10.67 -20.33 24.95
C TYR B 536 -10.11 -19.45 23.84
N LEU B 537 -8.98 -18.78 24.08
CA LEU B 537 -8.37 -17.92 23.07
C LEU B 537 -7.33 -18.63 22.20
N GLN B 538 -6.70 -19.72 22.66
CA GLN B 538 -5.73 -20.44 21.82
C GLN B 538 -6.39 -21.28 20.74
N LYS B 539 -7.67 -21.65 20.93
CA LYS B 539 -8.40 -22.41 19.92
C LYS B 539 -8.73 -21.56 18.71
N SER B 540 -8.91 -20.26 18.92
CA SER B 540 -9.51 -19.35 17.95
C SER B 540 -8.52 -18.44 17.24
N LYS B 541 -7.49 -17.96 17.98
CA LYS B 541 -6.58 -16.86 17.63
C LYS B 541 -7.30 -15.58 17.20
N LEU B 542 -7.43 -15.36 15.89
CA LEU B 542 -7.95 -14.11 15.37
C LEU B 542 -9.46 -13.94 15.55
N PHE B 543 -10.22 -15.05 15.50
CA PHE B 543 -11.67 -14.95 15.52
C PHE B 543 -12.22 -14.59 16.90
N ASN B 544 -11.51 -14.92 17.98
CA ASN B 544 -11.85 -14.33 19.28
C ASN B 544 -10.91 -13.22 19.72
N MET B 545 -9.79 -12.99 19.01
CA MET B 545 -9.03 -11.76 19.24
C MET B 545 -9.77 -10.53 18.73
N VAL B 546 -10.44 -10.64 17.57
CA VAL B 546 -11.30 -9.57 17.04
C VAL B 546 -12.51 -9.32 17.95
N GLU B 547 -13.10 -10.42 18.48
CA GLU B 547 -14.19 -10.36 19.46
C GLU B 547 -13.76 -9.74 20.78
N LEU B 548 -12.49 -9.94 21.19
CA LEU B 548 -11.95 -9.24 22.35
C LEU B 548 -11.73 -7.74 22.06
N VAL B 549 -11.15 -7.41 20.90
CA VAL B 549 -10.78 -6.04 20.55
C VAL B 549 -12.01 -5.13 20.32
N ASN B 550 -13.12 -5.69 19.81
CA ASN B 550 -14.33 -4.89 19.59
C ASN B 550 -15.02 -4.47 20.89
N ASN B 551 -15.01 -5.32 21.92
CA ASN B 551 -15.51 -4.91 23.23
C ASN B 551 -14.36 -4.68 24.20
N LEU B 552 -13.59 -3.62 23.96
CA LEU B 552 -12.59 -3.14 24.90
C LEU B 552 -13.01 -1.77 25.41
N SER B 553 -12.91 -1.57 26.72
CA SER B 553 -13.24 -0.29 27.32
C SER B 553 -12.06 0.67 27.21
N THR B 554 -12.26 1.90 27.67
CA THR B 554 -11.25 2.95 27.55
C THR B 554 -10.14 2.76 28.57
N LYS B 555 -10.50 2.34 29.80
CA LYS B 555 -9.55 2.15 30.89
C LYS B 555 -8.69 0.92 30.67
N ASP B 556 -9.22 -0.06 29.92
CA ASP B 556 -8.55 -1.33 29.62
C ASP B 556 -7.31 -1.14 28.74
N CYS B 557 -7.39 -0.21 27.78
CA CYS B 557 -6.25 0.08 26.92
C CYS B 557 -5.18 0.92 27.60
N PHE B 558 -5.49 1.56 28.74
CA PHE B 558 -4.45 2.10 29.60
C PHE B 558 -3.95 1.08 30.62
N ASP B 559 -4.76 0.06 30.94
CA ASP B 559 -4.29 -1.03 31.80
C ASP B 559 -3.24 -1.88 31.11
N VAL B 560 -3.43 -2.16 29.82
CA VAL B 560 -2.51 -3.04 29.14
C VAL B 560 -1.22 -2.29 28.71
N PHE B 561 -1.29 -0.97 28.53
CA PHE B 561 -0.17 -0.15 28.07
C PHE B 561 0.83 0.14 29.19
N GLU B 562 0.42 -0.03 30.44
CA GLU B 562 1.14 0.43 31.62
C GLU B 562 2.15 -0.59 32.15
N HIS B 563 1.89 -1.89 31.93
CA HIS B 563 2.66 -2.99 32.52
C HIS B 563 4.08 -3.08 31.96
N GLU B 564 4.98 -3.65 32.78
CA GLU B 564 6.39 -3.75 32.44
C GLU B 564 6.66 -4.85 31.40
N LYS B 565 5.72 -5.77 31.21
CA LYS B 565 5.82 -6.78 30.17
C LYS B 565 5.33 -6.25 28.82
N PHE B 566 4.68 -5.09 28.82
CA PHE B 566 4.33 -4.33 27.62
C PHE B 566 5.16 -3.05 27.54
N ALA B 567 6.44 -3.15 27.91
CA ALA B 567 7.38 -2.03 27.77
C ALA B 567 7.93 -1.89 26.35
N CYS B 568 7.61 -2.80 25.44
CA CYS B 568 7.90 -2.61 24.03
C CYS B 568 7.00 -1.55 23.40
N LEU B 569 5.78 -1.38 23.94
CA LEU B 569 4.83 -0.41 23.41
C LEU B 569 5.21 1.03 23.76
N LYS B 570 5.87 1.22 24.90
CA LYS B 570 6.33 2.54 25.32
C LYS B 570 7.49 3.05 24.46
N GLU B 571 8.45 2.18 24.15
CA GLU B 571 9.63 2.54 23.37
C GLU B 571 9.33 2.81 21.91
N LEU B 572 8.19 2.34 21.40
CA LEU B 572 7.72 2.75 20.09
C LEU B 572 7.26 4.20 20.11
N VAL B 573 6.67 4.66 21.22
CA VAL B 573 6.19 6.04 21.27
C VAL B 573 7.06 6.93 22.16
N GLY B 574 8.07 6.37 22.82
CA GLY B 574 9.03 7.16 23.55
C GLY B 574 8.61 7.64 24.91
N SER B 575 7.44 7.24 25.40
CA SER B 575 6.98 7.67 26.71
C SER B 575 7.21 6.59 27.76
CA CA E . 4.24 -16.86 19.65
CA CA F . -1.54 -25.74 -4.36
#